data_6TQ7
#
_entry.id   6TQ7
#
_cell.length_a   59.766
_cell.length_b   148.243
_cell.length_c   71.668
_cell.angle_alpha   90.000
_cell.angle_beta   112.170
_cell.angle_gamma   90.000
#
_symmetry.space_group_name_H-M   'P 1 21 1'
#
loop_
_entity.id
_entity.type
_entity.pdbx_description
1 polymer 'Orexin receptor type 1'
2 non-polymer 1-(2-methyl-1,3-benzoxazol-6-yl)-3-(1,5-naphthyridin-4-yl)urea
3 non-polymer 'SULFATE ION'
4 non-polymer 'octyl 1-thio-beta-D-glucopyranoside'
5 non-polymer '(1R)-2-{[(S)-{[(2S)-2,3-dihydroxypropyl]oxy}(hydroxy)phosphoryl]oxy}-1-[(hexadecanoyloxy)methyl]ethyl (9Z)-octadec-9-enoate'
6 water water
#
_entity_poly.entity_id   1
_entity_poly.type   'polypeptide(L)'
_entity_poly.pdbx_seq_one_letter_code
;AASEDEFLRYLWRDYLYPKQYAWVLIAAYVAVFVVALVGNTLVCLAVWRNHHMRTVTNYFLVNLSLADVLATAICLPASL
LVDITESWLFGHALCKVIPYLQAVSVSVAVLTLSFIALDRWYAICHPLLFKSTARRALGSILGIWAVSLAIMVPQAAVME
CSSVLPELAARTRAFSVCDERWADDLAPKIYHSCFFIVTYLAPLGLMAMAYFQIFRKLWGRQIPGTTSALVRNWKRPSDQ
LGDLEQGLSGEPQPRARAFLAEVKQMRARRKTAKMLMVVVLVFALCYLPISVLNVLKRVFGMFRQASDREAVYAAFTFSH
WLVYANSAANPIIYNFLSGKFREQFKAAFSWWLPGLAAAHHHHHHHHH
;
_entity_poly.pdbx_strand_id   A,B
#
loop_
_chem_comp.id
_chem_comp.type
_chem_comp.name
_chem_comp.formula
NVK non-polymer 1-(2-methyl-1,3-benzoxazol-6-yl)-3-(1,5-naphthyridin-4-yl)urea 'C17 H13 N5 O2'
PGW non-polymer '(1R)-2-{[(S)-{[(2S)-2,3-dihydroxypropyl]oxy}(hydroxy)phosphoryl]oxy}-1-[(hexadecanoyloxy)methyl]ethyl (9Z)-octadec-9-enoate' 'C40 H77 O10 P'
SO4 non-polymer 'SULFATE ION' 'O4 S -2'
SOG D-saccharide 'octyl 1-thio-beta-D-glucopyranoside' 'C14 H28 O5 S'
#
# COMPACT_ATOMS: atom_id res chain seq x y z
N TYR A 21 -0.68 -20.14 36.03
CA TYR A 21 -0.50 -19.34 34.83
C TYR A 21 -0.10 -20.25 33.67
N ALA A 22 0.81 -21.18 33.91
CA ALA A 22 1.32 -22.01 32.82
C ALA A 22 0.23 -22.90 32.22
N TRP A 23 -0.58 -23.55 33.06
CA TRP A 23 -1.63 -24.42 32.52
C TRP A 23 -2.73 -23.61 31.86
N VAL A 24 -3.04 -22.44 32.40
CA VAL A 24 -4.05 -21.60 31.77
C VAL A 24 -3.61 -21.25 30.36
N LEU A 25 -2.31 -21.10 30.14
CA LEU A 25 -1.79 -20.84 28.81
C LEU A 25 -2.05 -22.02 27.88
N ILE A 26 -1.71 -23.23 28.33
CA ILE A 26 -1.89 -24.40 27.48
C ILE A 26 -3.36 -24.66 27.22
N ALA A 27 -4.20 -24.49 28.24
CA ALA A 27 -5.63 -24.68 28.04
C ALA A 27 -6.19 -23.67 27.04
N ALA A 28 -5.79 -22.40 27.17
CA ALA A 28 -6.28 -21.39 26.23
C ALA A 28 -5.74 -21.62 24.83
N TYR A 29 -4.48 -22.04 24.72
CA TYR A 29 -3.92 -22.31 23.39
C TYR A 29 -4.56 -23.53 22.74
N VAL A 30 -4.95 -24.53 23.54
CA VAL A 30 -5.58 -25.71 22.97
C VAL A 30 -7.00 -25.39 22.52
N ALA A 31 -7.73 -24.61 23.31
CA ALA A 31 -9.09 -24.24 22.93
C ALA A 31 -9.10 -23.43 21.65
N VAL A 32 -8.18 -22.48 21.52
CA VAL A 32 -8.11 -21.67 20.30
C VAL A 32 -7.75 -22.53 19.11
N PHE A 33 -6.89 -23.53 19.33
CA PHE A 33 -6.49 -24.43 18.25
C PHE A 33 -7.68 -25.20 17.70
N VAL A 34 -8.45 -25.82 18.59
CA VAL A 34 -9.59 -26.61 18.13
C VAL A 34 -10.67 -25.73 17.52
N VAL A 35 -11.05 -24.66 18.22
CA VAL A 35 -12.16 -23.83 17.75
C VAL A 35 -11.83 -23.20 16.41
N ALA A 36 -10.61 -22.69 16.25
CA ALA A 36 -10.24 -22.04 14.99
C ALA A 36 -10.24 -23.04 13.83
N LEU A 37 -9.72 -24.24 14.05
CA LEU A 37 -9.70 -25.25 12.99
C LEU A 37 -11.10 -25.73 12.65
N VAL A 38 -11.86 -26.15 13.67
CA VAL A 38 -13.23 -26.61 13.43
C VAL A 38 -14.05 -25.50 12.78
N GLY A 39 -13.98 -24.29 13.35
CA GLY A 39 -14.77 -23.18 12.82
C GLY A 39 -14.40 -22.81 11.40
N ASN A 40 -13.11 -22.56 11.16
CA ASN A 40 -12.69 -22.09 9.85
C ASN A 40 -12.91 -23.14 8.76
N THR A 41 -12.83 -24.42 9.12
CA THR A 41 -13.16 -25.44 8.13
C THR A 41 -14.64 -25.43 7.79
N LEU A 42 -15.50 -25.19 8.79
CA LEU A 42 -16.92 -25.08 8.53
C LEU A 42 -17.25 -23.83 7.71
N VAL A 43 -16.44 -22.78 7.85
CA VAL A 43 -16.69 -21.56 7.07
C VAL A 43 -16.48 -21.84 5.58
N CYS A 44 -15.49 -22.67 5.25
CA CYS A 44 -15.27 -23.04 3.86
C CYS A 44 -16.36 -23.99 3.38
N LEU A 45 -16.74 -24.96 4.23
CA LEU A 45 -17.77 -25.90 3.84
C LEU A 45 -19.12 -25.22 3.63
N ALA A 46 -19.41 -24.20 4.43
CA ALA A 46 -20.71 -23.53 4.31
C ALA A 46 -20.82 -22.79 2.99
N VAL A 47 -19.76 -22.12 2.55
CA VAL A 47 -19.82 -21.43 1.28
C VAL A 47 -19.80 -22.42 0.13
N TRP A 48 -19.11 -23.55 0.31
CA TRP A 48 -19.05 -24.56 -0.74
C TRP A 48 -20.39 -25.27 -0.92
N ARG A 49 -21.06 -25.57 0.20
CA ARG A 49 -22.33 -26.30 0.11
C ARG A 49 -23.46 -25.40 -0.41
N ASN A 50 -23.52 -24.15 0.04
CA ASN A 50 -24.58 -23.22 -0.35
C ASN A 50 -24.11 -22.41 -1.56
N HIS A 51 -24.78 -22.60 -2.71
CA HIS A 51 -24.33 -21.90 -3.90
C HIS A 51 -24.63 -20.40 -3.86
N HIS A 52 -25.88 -20.02 -3.56
CA HIS A 52 -26.14 -18.58 -3.43
C HIS A 52 -25.79 -18.08 -2.03
N MET A 53 -24.64 -18.62 -1.56
CA MET A 53 -23.81 -17.99 -0.53
C MET A 53 -22.46 -17.54 -1.09
N ARG A 54 -22.16 -17.83 -2.37
CA ARG A 54 -20.86 -17.50 -2.98
C ARG A 54 -20.86 -16.05 -3.50
N THR A 55 -20.97 -15.15 -2.54
CA THR A 55 -20.88 -13.72 -2.77
C THR A 55 -19.43 -13.28 -2.73
N VAL A 56 -19.19 -12.08 -3.27
CA VAL A 56 -17.84 -11.53 -3.23
C VAL A 56 -17.35 -11.44 -1.79
N THR A 57 -18.17 -10.88 -0.90
CA THR A 57 -17.79 -10.80 0.51
C THR A 57 -17.44 -12.16 1.09
N ASN A 58 -18.32 -13.13 0.89
CA ASN A 58 -18.10 -14.45 1.47
C ASN A 58 -16.93 -15.20 0.82
N TYR A 59 -16.58 -14.88 -0.43
CA TYR A 59 -15.36 -15.46 -0.98
C TYR A 59 -14.13 -14.88 -0.29
N PHE A 60 -14.15 -13.57 0.01
CA PHE A 60 -13.06 -12.97 0.77
C PHE A 60 -13.01 -13.52 2.18
N LEU A 61 -14.17 -13.80 2.78
CA LEU A 61 -14.19 -14.36 4.13
C LEU A 61 -13.61 -15.77 4.14
N VAL A 62 -13.77 -16.51 3.04
CA VAL A 62 -13.14 -17.83 2.97
C VAL A 62 -11.64 -17.70 2.85
N ASN A 63 -11.17 -16.71 2.09
CA ASN A 63 -9.74 -16.45 2.02
C ASN A 63 -9.20 -16.03 3.38
N LEU A 64 -10.00 -15.30 4.16
CA LEU A 64 -9.60 -14.96 5.51
C LEU A 64 -9.49 -16.20 6.38
N SER A 65 -10.35 -17.20 6.15
CA SER A 65 -10.24 -18.46 6.89
C SER A 65 -9.02 -19.24 6.47
N LEU A 66 -8.65 -19.18 5.17
CA LEU A 66 -7.47 -19.89 4.72
C LEU A 66 -6.21 -19.33 5.36
N ALA A 67 -6.18 -18.03 5.64
CA ALA A 67 -5.07 -17.46 6.38
C ALA A 67 -5.07 -17.93 7.83
N ASP A 68 -6.25 -17.89 8.48
CA ASP A 68 -6.32 -18.25 9.89
C ASP A 68 -5.92 -19.72 10.11
N VAL A 69 -6.29 -20.61 9.19
CA VAL A 69 -5.91 -22.01 9.37
C VAL A 69 -4.41 -22.20 9.17
N LEU A 70 -3.79 -21.41 8.29
CA LEU A 70 -2.35 -21.50 8.12
C LEU A 70 -1.63 -21.07 9.38
N ALA A 71 -2.13 -20.04 10.05
CA ALA A 71 -1.52 -19.60 11.31
C ALA A 71 -1.80 -20.60 12.43
N THR A 72 -3.06 -21.04 12.57
CA THR A 72 -3.42 -21.94 13.64
C THR A 72 -2.69 -23.27 13.53
N ALA A 73 -2.71 -23.88 12.34
CA ALA A 73 -2.15 -25.21 12.17
C ALA A 73 -0.64 -25.21 12.36
N ILE A 74 0.05 -24.29 11.71
CA ILE A 74 1.52 -24.33 11.67
C ILE A 74 2.13 -23.46 12.76
N CYS A 75 1.72 -22.19 12.84
CA CYS A 75 2.41 -21.24 13.72
C CYS A 75 1.98 -21.37 15.17
N LEU A 76 0.71 -21.71 15.43
CA LEU A 76 0.24 -21.81 16.81
C LEU A 76 1.05 -22.82 17.63
N PRO A 77 1.29 -24.05 17.17
CA PRO A 77 2.07 -24.98 18.00
C PRO A 77 3.45 -24.46 18.39
N ALA A 78 4.14 -23.78 17.48
CA ALA A 78 5.41 -23.13 17.81
C ALA A 78 5.18 -22.04 18.83
N SER A 79 3.94 -21.46 18.80
CA SER A 79 3.57 -20.38 19.69
C SER A 79 3.59 -20.82 21.13
N LEU A 80 3.01 -21.98 21.44
CA LEU A 80 2.89 -22.46 22.81
C LEU A 80 4.25 -22.83 23.38
N LEU A 81 5.06 -23.54 22.60
CA LEU A 81 6.36 -23.99 23.11
C LEU A 81 7.29 -22.83 23.38
N VAL A 82 7.24 -21.77 22.56
CA VAL A 82 8.13 -20.63 22.77
C VAL A 82 7.76 -19.85 24.02
N ASP A 83 6.46 -19.63 24.24
CA ASP A 83 6.03 -18.86 25.41
C ASP A 83 6.19 -19.60 26.71
N ILE A 84 6.21 -20.94 26.68
CA ILE A 84 6.39 -21.71 27.91
C ILE A 84 7.87 -21.95 28.15
N THR A 85 8.55 -22.59 27.20
CA THR A 85 9.96 -22.88 27.37
C THR A 85 10.84 -21.63 27.25
N GLU A 86 10.35 -20.58 26.58
CA GLU A 86 11.13 -19.37 26.34
C GLU A 86 12.36 -19.63 25.50
N SER A 87 12.35 -20.67 24.67
CA SER A 87 13.46 -20.93 23.78
C SER A 87 12.94 -21.56 22.50
N TRP A 88 13.76 -21.51 21.45
CA TRP A 88 13.44 -22.05 20.13
C TRP A 88 14.09 -23.43 20.00
N LEU A 89 13.26 -24.46 19.82
CA LEU A 89 13.73 -25.84 19.72
C LEU A 89 13.47 -26.47 18.35
N PHE A 90 13.21 -25.68 17.30
CA PHE A 90 12.84 -26.23 16.00
C PHE A 90 13.92 -26.07 14.92
N GLY A 91 15.11 -25.60 15.26
CA GLY A 91 16.19 -25.51 14.30
C GLY A 91 16.18 -24.22 13.50
N HIS A 92 17.26 -24.03 12.75
CA HIS A 92 17.52 -22.75 12.09
C HIS A 92 16.58 -22.50 10.92
N ALA A 93 16.24 -23.55 10.17
CA ALA A 93 15.39 -23.37 8.99
C ALA A 93 13.98 -22.92 9.36
N LEU A 94 13.39 -23.56 10.37
CA LEU A 94 12.04 -23.19 10.80
C LEU A 94 12.03 -21.84 11.53
N CYS A 95 13.18 -21.36 11.98
CA CYS A 95 13.24 -20.03 12.58
C CYS A 95 12.88 -18.94 11.57
N LYS A 96 13.12 -19.19 10.29
CA LYS A 96 12.73 -18.25 9.24
C LYS A 96 11.36 -18.57 8.66
N VAL A 97 11.06 -19.86 8.47
CA VAL A 97 9.81 -20.25 7.84
C VAL A 97 8.62 -19.86 8.70
N ILE A 98 8.56 -20.39 9.92
CA ILE A 98 7.38 -20.19 10.76
C ILE A 98 7.09 -18.72 11.02
N PRO A 99 8.06 -17.90 11.45
CA PRO A 99 7.77 -16.47 11.60
C PRO A 99 7.33 -15.81 10.30
N TYR A 100 7.85 -16.29 9.17
CA TYR A 100 7.42 -15.77 7.89
C TYR A 100 5.97 -16.12 7.59
N LEU A 101 5.60 -17.39 7.83
CA LEU A 101 4.21 -17.79 7.62
C LEU A 101 3.26 -17.04 8.56
N GLN A 102 3.71 -16.75 9.78
CA GLN A 102 2.91 -15.94 10.68
C GLN A 102 2.73 -14.52 10.13
N ALA A 103 3.83 -13.92 9.66
CA ALA A 103 3.72 -12.59 9.08
C ALA A 103 2.84 -12.58 7.83
N VAL A 104 2.98 -13.60 6.99
CA VAL A 104 2.15 -13.67 5.79
C VAL A 104 0.69 -13.81 6.16
N SER A 105 0.39 -14.57 7.23
CA SER A 105 -0.98 -14.75 7.67
C SER A 105 -1.60 -13.43 8.10
N VAL A 106 -0.79 -12.52 8.63
CA VAL A 106 -1.31 -11.22 9.04
C VAL A 106 -1.60 -10.35 7.84
N SER A 107 -0.66 -10.30 6.89
CA SER A 107 -0.86 -9.49 5.70
C SER A 107 -2.07 -9.94 4.90
N VAL A 108 -2.27 -11.26 4.79
CA VAL A 108 -3.42 -11.77 4.06
C VAL A 108 -4.72 -11.34 4.75
N ALA A 109 -4.72 -11.39 6.09
CA ALA A 109 -5.91 -11.00 6.84
C ALA A 109 -6.27 -9.54 6.60
N VAL A 110 -5.34 -8.63 6.90
CA VAL A 110 -5.66 -7.21 6.79
C VAL A 110 -5.96 -6.81 5.36
N LEU A 111 -5.27 -7.41 4.39
CA LEU A 111 -5.58 -7.09 2.99
C LEU A 111 -6.94 -7.63 2.57
N THR A 112 -7.36 -8.78 3.14
CA THR A 112 -8.68 -9.29 2.82
C THR A 112 -9.77 -8.40 3.42
N LEU A 113 -9.58 -7.97 4.66
CA LEU A 113 -10.54 -7.06 5.27
C LEU A 113 -10.59 -5.73 4.53
N SER A 114 -9.46 -5.29 3.98
CA SER A 114 -9.45 -4.03 3.22
C SER A 114 -10.21 -4.16 1.92
N PHE A 115 -10.01 -5.26 1.20
CA PHE A 115 -10.72 -5.45 -0.06
C PHE A 115 -12.21 -5.63 0.16
N ILE A 116 -12.60 -6.24 1.28
CA ILE A 116 -14.02 -6.37 1.60
C ILE A 116 -14.65 -5.00 1.78
N ALA A 117 -14.01 -4.14 2.59
CA ALA A 117 -14.54 -2.79 2.79
C ALA A 117 -14.55 -2.01 1.49
N LEU A 118 -13.49 -2.13 0.69
CA LEU A 118 -13.46 -1.44 -0.60
C LEU A 118 -14.57 -1.93 -1.51
N ASP A 119 -14.91 -3.21 -1.41
CA ASP A 119 -16.02 -3.76 -2.19
C ASP A 119 -17.35 -3.21 -1.71
N ARG A 120 -17.57 -3.22 -0.39
CA ARG A 120 -18.83 -2.71 0.15
C ARG A 120 -18.98 -1.21 -0.07
N TRP A 121 -17.85 -0.47 -0.04
CA TRP A 121 -17.93 0.97 -0.16
C TRP A 121 -18.32 1.40 -1.58
N TYR A 122 -17.74 0.76 -2.60
CA TYR A 122 -18.17 1.03 -3.97
C TYR A 122 -19.56 0.47 -4.26
N ALA A 123 -19.99 -0.52 -3.48
CA ALA A 123 -21.33 -1.08 -3.69
C ALA A 123 -22.39 -0.21 -3.05
N ILE A 124 -22.19 0.22 -1.81
CA ILE A 124 -23.20 0.97 -1.10
C ILE A 124 -23.14 2.46 -1.44
N CYS A 125 -21.93 3.01 -1.49
CA CYS A 125 -21.78 4.46 -1.60
C CYS A 125 -21.65 4.96 -3.04
N HIS A 126 -20.97 4.22 -3.92
CA HIS A 126 -20.76 4.65 -5.30
C HIS A 126 -21.12 3.48 -6.22
N PRO A 127 -22.42 3.22 -6.36
CA PRO A 127 -22.88 1.92 -6.86
C PRO A 127 -22.48 1.54 -8.28
N LEU A 128 -22.26 2.50 -9.19
CA LEU A 128 -22.14 2.15 -10.60
C LEU A 128 -20.77 2.44 -11.20
N LEU A 129 -19.74 2.66 -10.37
CA LEU A 129 -18.40 2.88 -10.91
C LEU A 129 -17.74 1.56 -11.29
N PHE A 130 -17.50 0.71 -10.30
CA PHE A 130 -16.87 -0.59 -10.50
C PHE A 130 -17.85 -1.71 -10.17
N LYS A 131 -17.78 -2.81 -10.92
CA LYS A 131 -18.65 -3.96 -10.70
C LYS A 131 -17.83 -5.11 -10.14
N SER A 132 -18.30 -5.67 -9.03
CA SER A 132 -17.63 -6.78 -8.37
C SER A 132 -18.25 -8.10 -8.79
N THR A 133 -17.41 -9.05 -9.20
CA THR A 133 -17.87 -10.38 -9.57
C THR A 133 -17.12 -11.44 -8.76
N ALA A 134 -17.62 -12.67 -8.85
CA ALA A 134 -16.90 -13.79 -8.25
C ALA A 134 -15.63 -14.09 -9.03
N ARG A 135 -15.64 -13.83 -10.34
CA ARG A 135 -14.43 -14.01 -11.16
C ARG A 135 -13.35 -13.01 -10.79
N ARG A 136 -13.74 -11.76 -10.54
CA ARG A 136 -12.77 -10.74 -10.12
C ARG A 136 -12.34 -10.91 -8.66
N ALA A 137 -13.20 -11.51 -7.82
CA ALA A 137 -12.83 -11.71 -6.43
C ALA A 137 -11.69 -12.70 -6.30
N LEU A 138 -11.77 -13.84 -6.99
CA LEU A 138 -10.69 -14.82 -6.93
C LEU A 138 -9.39 -14.26 -7.48
N GLY A 139 -9.48 -13.31 -8.42
CA GLY A 139 -8.27 -12.66 -8.89
C GLY A 139 -7.67 -11.75 -7.84
N SER A 140 -8.52 -11.06 -7.08
CA SER A 140 -8.02 -10.27 -5.95
C SER A 140 -7.43 -11.16 -4.87
N ILE A 141 -8.08 -12.29 -4.59
CA ILE A 141 -7.59 -13.19 -3.56
C ILE A 141 -6.21 -13.71 -3.92
N LEU A 142 -5.97 -13.97 -5.21
CA LEU A 142 -4.64 -14.39 -5.62
C LEU A 142 -3.65 -13.23 -5.57
N GLY A 143 -4.13 -12.00 -5.72
CA GLY A 143 -3.25 -10.85 -5.57
C GLY A 143 -2.89 -10.60 -4.11
N ILE A 144 -3.83 -10.86 -3.20
CA ILE A 144 -3.56 -10.66 -1.78
C ILE A 144 -2.43 -11.58 -1.33
N TRP A 145 -2.38 -12.80 -1.86
CA TRP A 145 -1.31 -13.71 -1.50
C TRP A 145 0.00 -13.36 -2.19
N ALA A 146 -0.05 -12.95 -3.45
CA ALA A 146 1.18 -12.56 -4.14
C ALA A 146 1.85 -11.39 -3.42
N VAL A 147 1.06 -10.46 -2.89
CA VAL A 147 1.63 -9.33 -2.17
C VAL A 147 2.11 -9.76 -0.79
N SER A 148 1.26 -10.48 -0.04
CA SER A 148 1.63 -10.89 1.31
C SER A 148 2.89 -11.74 1.32
N LEU A 149 3.03 -12.65 0.36
CA LEU A 149 4.24 -13.46 0.29
C LEU A 149 5.46 -12.62 -0.02
N ALA A 150 5.29 -11.58 -0.84
CA ALA A 150 6.44 -10.76 -1.24
C ALA A 150 6.91 -9.85 -0.11
N ILE A 151 6.00 -9.03 0.43
CA ILE A 151 6.39 -8.00 1.38
C ILE A 151 6.89 -8.55 2.71
N MET A 152 6.67 -9.83 2.99
CA MET A 152 7.18 -10.44 4.21
C MET A 152 8.50 -11.16 4.02
N VAL A 153 9.04 -11.16 2.80
CA VAL A 153 10.36 -11.74 2.57
C VAL A 153 11.43 -11.09 3.42
N PRO A 154 11.52 -9.76 3.52
CA PRO A 154 12.52 -9.15 4.40
C PRO A 154 12.39 -9.58 5.84
N GLN A 155 11.18 -9.87 6.30
CA GLN A 155 11.02 -10.36 7.67
C GLN A 155 11.69 -11.71 7.86
N ALA A 156 11.54 -12.62 6.88
CA ALA A 156 12.21 -13.90 6.99
C ALA A 156 13.72 -13.75 6.92
N ALA A 157 14.21 -12.77 6.16
CA ALA A 157 15.65 -12.55 6.09
C ALA A 157 16.24 -12.15 7.43
N VAL A 158 15.48 -11.41 8.23
CA VAL A 158 16.02 -10.93 9.50
C VAL A 158 15.96 -11.97 10.60
N MET A 159 15.11 -12.99 10.47
CA MET A 159 15.00 -14.01 11.50
C MET A 159 16.29 -14.84 11.57
N GLU A 160 16.85 -14.96 12.78
CA GLU A 160 18.05 -15.74 13.01
C GLU A 160 17.92 -16.47 14.34
N CYS A 161 18.28 -17.76 14.36
CA CYS A 161 18.30 -18.56 15.58
C CYS A 161 19.71 -18.57 16.16
N SER A 162 19.85 -18.13 17.41
CA SER A 162 21.15 -18.07 18.06
C SER A 162 20.97 -18.33 19.55
N SER A 163 21.94 -19.05 20.14
CA SER A 163 21.96 -19.37 21.56
C SER A 163 22.71 -18.30 22.35
N VAL A 164 22.47 -18.28 23.66
CA VAL A 164 23.10 -17.34 24.58
C VAL A 164 24.60 -17.26 24.31
N LEU A 165 25.33 -18.34 24.60
CA LEU A 165 26.70 -18.49 24.15
C LEU A 165 26.66 -19.43 22.94
N PRO A 166 26.97 -18.94 21.74
CA PRO A 166 26.71 -19.74 20.52
C PRO A 166 27.42 -21.07 20.50
N GLU A 167 28.56 -21.21 21.18
CA GLU A 167 29.20 -22.51 21.31
C GLU A 167 28.28 -23.52 21.98
N LEU A 168 27.29 -23.05 22.76
CA LEU A 168 26.33 -23.97 23.36
C LEU A 168 25.52 -24.71 22.31
N ALA A 169 25.34 -24.13 21.12
CA ALA A 169 24.45 -24.72 20.14
C ALA A 169 24.91 -26.11 19.73
N ALA A 170 26.20 -26.39 19.88
CA ALA A 170 26.70 -27.72 19.57
C ALA A 170 26.22 -28.77 20.57
N ARG A 171 25.68 -28.35 21.72
CA ARG A 171 25.25 -29.28 22.75
C ARG A 171 23.73 -29.39 22.90
N THR A 172 23.01 -28.28 22.82
CA THR A 172 21.57 -28.33 23.07
C THR A 172 20.90 -27.12 22.43
N ARG A 173 19.57 -27.21 22.33
CA ARG A 173 18.74 -26.11 21.88
C ARG A 173 17.95 -25.47 23.00
N ALA A 174 18.13 -25.91 24.24
CA ALA A 174 17.36 -25.37 25.34
C ALA A 174 17.67 -23.90 25.60
N PHE A 175 18.84 -23.43 25.15
CA PHE A 175 19.26 -22.07 25.42
C PHE A 175 19.36 -21.21 24.17
N SER A 176 18.77 -21.65 23.06
CA SER A 176 18.77 -20.86 21.84
C SER A 176 17.43 -20.20 21.63
N VAL A 177 17.46 -19.01 21.03
CA VAL A 177 16.27 -18.22 20.79
C VAL A 177 16.23 -17.76 19.32
N CYS A 178 15.02 -17.72 18.76
CA CYS A 178 14.78 -17.26 17.39
C CYS A 178 14.25 -15.83 17.45
N ASP A 179 15.10 -14.87 17.08
CA ASP A 179 14.73 -13.46 17.09
C ASP A 179 15.31 -12.74 15.88
N GLU A 180 14.90 -11.48 15.73
CA GLU A 180 15.38 -10.65 14.64
C GLU A 180 16.82 -10.21 14.90
N ARG A 181 17.64 -10.22 13.84
CA ARG A 181 19.05 -9.81 13.93
C ARG A 181 19.27 -8.58 13.05
N TRP A 182 19.31 -7.40 13.68
CA TRP A 182 19.58 -6.15 12.97
C TRP A 182 21.03 -5.74 13.13
N ALA A 183 21.59 -5.14 12.07
CA ALA A 183 22.97 -4.69 12.10
C ALA A 183 23.14 -3.28 12.66
N ASP A 184 22.06 -2.57 12.94
CA ASP A 184 22.17 -1.21 13.46
C ASP A 184 20.86 -0.82 14.13
N ASP A 185 20.96 0.12 15.08
CA ASP A 185 19.78 0.55 15.83
C ASP A 185 18.74 1.20 14.93
N LEU A 186 19.17 1.89 13.88
CA LEU A 186 18.22 2.65 13.07
C LEU A 186 17.31 1.74 12.26
N ALA A 187 17.86 0.67 11.69
CA ALA A 187 17.06 -0.17 10.78
C ALA A 187 15.78 -0.70 11.40
N PRO A 188 15.79 -1.34 12.57
CA PRO A 188 14.51 -1.78 13.17
C PRO A 188 13.54 -0.64 13.45
N LYS A 189 14.04 0.55 13.82
CA LYS A 189 13.14 1.66 14.12
C LYS A 189 12.35 2.09 12.89
N ILE A 190 12.99 2.08 11.72
CA ILE A 190 12.30 2.45 10.49
C ILE A 190 11.41 1.32 10.01
N TYR A 191 11.94 0.09 9.99
CA TYR A 191 11.20 -1.07 9.52
C TYR A 191 9.88 -1.23 10.27
N HIS A 192 9.96 -1.33 11.60
CA HIS A 192 8.75 -1.60 12.38
C HIS A 192 7.81 -0.40 12.44
N SER A 193 8.32 0.80 12.18
CA SER A 193 7.41 1.95 12.08
C SER A 193 6.58 1.87 10.80
N CYS A 194 7.22 1.48 9.69
CA CYS A 194 6.48 1.40 8.43
C CYS A 194 5.45 0.27 8.45
N PHE A 195 5.79 -0.87 9.04
CA PHE A 195 4.86 -1.99 9.05
C PHE A 195 3.75 -1.84 10.09
N PHE A 196 3.92 -0.95 11.07
CA PHE A 196 2.78 -0.63 11.94
C PHE A 196 1.80 0.27 11.21
N ILE A 197 2.32 1.29 10.52
CA ILE A 197 1.47 2.18 9.72
C ILE A 197 0.79 1.38 8.62
N VAL A 198 1.60 0.68 7.82
CA VAL A 198 1.09 0.07 6.59
C VAL A 198 0.07 -1.03 6.88
N THR A 199 0.32 -1.85 7.89
CA THR A 199 -0.49 -3.04 8.11
C THR A 199 -1.44 -2.96 9.31
N TYR A 200 -1.46 -1.84 10.04
CA TYR A 200 -2.43 -1.72 11.11
C TYR A 200 -3.14 -0.37 11.08
N LEU A 201 -2.39 0.71 11.32
CA LEU A 201 -3.02 2.01 11.45
C LEU A 201 -3.69 2.44 10.15
N ALA A 202 -2.95 2.39 9.04
CA ALA A 202 -3.51 2.87 7.78
C ALA A 202 -4.73 2.08 7.33
N PRO A 203 -4.70 0.75 7.24
CA PRO A 203 -5.90 0.03 6.80
C PRO A 203 -7.08 0.21 7.73
N LEU A 204 -6.86 0.10 9.05
CA LEU A 204 -7.96 0.25 9.99
C LEU A 204 -8.50 1.68 9.97
N GLY A 205 -7.63 2.66 9.76
CA GLY A 205 -8.10 4.03 9.64
C GLY A 205 -8.98 4.23 8.42
N LEU A 206 -8.51 3.77 7.26
CA LEU A 206 -9.31 3.88 6.04
C LEU A 206 -10.59 3.05 6.15
N MET A 207 -10.52 1.89 6.80
CA MET A 207 -11.71 1.06 6.92
C MET A 207 -12.74 1.67 7.86
N ALA A 208 -12.28 2.28 8.96
CA ALA A 208 -13.22 2.91 9.88
C ALA A 208 -13.99 4.03 9.20
N MET A 209 -13.34 4.77 8.30
CA MET A 209 -14.03 5.81 7.56
C MET A 209 -14.96 5.22 6.51
N ALA A 210 -14.57 4.10 5.90
CA ALA A 210 -15.41 3.49 4.88
C ALA A 210 -16.70 2.94 5.49
N TYR A 211 -16.57 2.20 6.60
CA TYR A 211 -17.76 1.65 7.23
C TYR A 211 -18.62 2.74 7.87
N PHE A 212 -18.02 3.87 8.25
CA PHE A 212 -18.84 4.97 8.75
C PHE A 212 -19.69 5.56 7.64
N GLN A 213 -19.13 5.70 6.44
CA GLN A 213 -19.93 6.15 5.31
C GLN A 213 -20.96 5.10 4.92
N ILE A 214 -20.59 3.82 5.01
CA ILE A 214 -21.56 2.75 4.74
C ILE A 214 -22.66 2.78 5.78
N PHE A 215 -22.31 3.09 7.03
CA PHE A 215 -23.31 3.17 8.09
C PHE A 215 -24.29 4.31 7.84
N ARG A 216 -23.78 5.47 7.41
CA ARG A 216 -24.66 6.59 7.12
C ARG A 216 -25.58 6.33 5.93
N LYS A 217 -25.06 5.66 4.90
CA LYS A 217 -25.86 5.43 3.70
C LYS A 217 -26.93 4.37 3.92
N LEU A 218 -26.70 3.44 4.86
CA LEU A 218 -27.68 2.39 5.11
C LEU A 218 -28.68 2.81 6.17
N TRP A 219 -28.23 3.56 7.18
CA TRP A 219 -29.10 4.05 8.25
C TRP A 219 -29.24 5.56 8.06
N GLY A 220 -30.32 5.99 7.41
CA GLY A 220 -30.56 7.40 7.26
C GLY A 220 -31.04 7.86 5.91
N ARG A 221 -30.51 7.29 4.82
CA ARG A 221 -30.92 7.72 3.48
C ARG A 221 -32.35 7.28 3.22
N GLN A 222 -33.29 8.23 3.29
CA GLN A 222 -34.71 7.92 3.10
C GLN A 222 -35.29 8.59 1.86
N ILE A 223 -34.70 8.38 0.69
CA ILE A 223 -35.16 9.11 -0.49
C ILE A 223 -36.62 8.76 -0.75
N PRO A 224 -37.47 9.73 -1.10
CA PRO A 224 -38.92 9.45 -1.13
C PRO A 224 -39.37 8.30 -2.03
N GLY A 225 -38.78 8.11 -3.20
CA GLY A 225 -39.32 7.06 -4.06
C GLY A 225 -38.48 5.80 -4.08
N THR A 226 -38.37 5.11 -2.95
CA THR A 226 -37.59 3.87 -2.92
C THR A 226 -38.54 2.68 -3.03
N THR A 227 -38.28 1.81 -3.99
CA THR A 227 -39.16 0.68 -4.24
C THR A 227 -39.06 -0.34 -3.11
N SER A 228 -40.08 -1.19 -3.04
CA SER A 228 -40.08 -2.28 -2.08
C SER A 228 -38.88 -3.20 -2.28
N ALA A 261 -38.42 -3.33 -3.53
CA ALA A 261 -37.21 -4.10 -3.78
C ALA A 261 -35.97 -3.37 -3.30
N GLU A 262 -35.97 -2.03 -3.34
CA GLU A 262 -34.81 -1.30 -2.83
C GLU A 262 -34.66 -1.47 -1.32
N VAL A 263 -35.77 -1.65 -0.61
CA VAL A 263 -35.72 -1.83 0.83
C VAL A 263 -35.30 -3.25 1.20
N LYS A 264 -35.82 -4.25 0.48
CA LYS A 264 -35.39 -5.61 0.73
C LYS A 264 -33.89 -5.76 0.48
N GLN A 265 -33.33 -4.91 -0.38
CA GLN A 265 -31.90 -4.90 -0.59
C GLN A 265 -31.17 -4.29 0.59
N MET A 266 -31.73 -3.20 1.14
CA MET A 266 -31.12 -2.51 2.27
C MET A 266 -31.18 -3.35 3.54
N ARG A 267 -32.35 -3.94 3.83
CA ARG A 267 -32.52 -4.68 5.06
C ARG A 267 -31.59 -5.88 5.13
N ALA A 268 -31.21 -6.44 3.98
CA ALA A 268 -30.22 -7.51 3.99
C ALA A 268 -28.80 -6.94 4.02
N ARG A 269 -28.57 -5.85 3.31
CA ARG A 269 -27.26 -5.21 3.34
C ARG A 269 -26.89 -4.71 4.72
N ARG A 270 -27.90 -4.34 5.53
CA ARG A 270 -27.62 -3.91 6.89
C ARG A 270 -27.06 -5.06 7.73
N LYS A 271 -27.58 -6.26 7.51
CA LYS A 271 -27.19 -7.41 8.32
C LYS A 271 -25.76 -7.85 8.01
N THR A 272 -25.32 -7.64 6.77
CA THR A 272 -23.93 -7.92 6.42
C THR A 272 -23.00 -6.82 6.91
N ALA A 273 -23.41 -5.55 6.79
CA ALA A 273 -22.59 -4.46 7.29
C ALA A 273 -22.43 -4.56 8.80
N LYS A 274 -23.47 -4.98 9.51
CA LYS A 274 -23.36 -5.17 10.96
C LYS A 274 -22.35 -6.26 11.28
N MET A 275 -22.40 -7.38 10.55
CA MET A 275 -21.47 -8.47 10.79
C MET A 275 -20.04 -8.07 10.48
N LEU A 276 -19.84 -7.42 9.33
CA LEU A 276 -18.48 -7.05 8.92
C LEU A 276 -17.86 -6.01 9.84
N MET A 277 -18.68 -5.11 10.40
CA MET A 277 -18.14 -4.12 11.32
C MET A 277 -17.70 -4.76 12.62
N VAL A 278 -18.44 -5.77 13.08
CA VAL A 278 -18.02 -6.48 14.28
C VAL A 278 -16.74 -7.26 14.01
N VAL A 279 -16.55 -7.75 12.79
CA VAL A 279 -15.33 -8.46 12.47
C VAL A 279 -14.13 -7.53 12.49
N VAL A 280 -14.25 -6.37 11.85
CA VAL A 280 -13.15 -5.41 11.85
C VAL A 280 -12.87 -4.91 13.25
N LEU A 281 -13.93 -4.76 14.07
CA LEU A 281 -13.74 -4.28 15.42
C LEU A 281 -12.98 -5.29 16.27
N VAL A 282 -13.32 -6.57 16.16
CA VAL A 282 -12.60 -7.59 16.91
C VAL A 282 -11.17 -7.72 16.42
N PHE A 283 -10.96 -7.63 15.11
CA PHE A 283 -9.60 -7.69 14.57
C PHE A 283 -8.76 -6.54 15.11
N ALA A 284 -9.32 -5.34 15.13
CA ALA A 284 -8.58 -4.19 15.68
C ALA A 284 -8.21 -4.43 17.13
N LEU A 285 -9.15 -4.91 17.94
CA LEU A 285 -8.87 -5.15 19.35
C LEU A 285 -7.87 -6.29 19.54
N CYS A 286 -7.98 -7.35 18.73
CA CYS A 286 -7.11 -8.51 18.93
C CYS A 286 -5.66 -8.18 18.64
N TYR A 287 -5.39 -7.46 17.55
CA TYR A 287 -4.04 -7.14 17.15
C TYR A 287 -3.51 -5.84 17.75
N LEU A 288 -4.35 -5.09 18.47
CA LEU A 288 -3.87 -3.87 19.10
C LEU A 288 -2.74 -4.12 20.10
N PRO A 289 -2.85 -5.08 21.02
CA PRO A 289 -1.77 -5.24 22.01
C PRO A 289 -0.43 -5.62 21.38
N ILE A 290 -0.42 -6.60 20.48
CA ILE A 290 0.85 -7.03 19.89
C ILE A 290 1.44 -5.94 19.01
N SER A 291 0.60 -5.14 18.35
CA SER A 291 1.11 -4.10 17.47
C SER A 291 1.76 -2.98 18.27
N VAL A 292 1.07 -2.50 19.30
CA VAL A 292 1.63 -1.43 20.13
C VAL A 292 2.85 -1.93 20.89
N LEU A 293 2.79 -3.16 21.40
CA LEU A 293 3.92 -3.71 22.13
C LEU A 293 5.15 -3.85 21.23
N ASN A 294 4.93 -4.20 19.96
CA ASN A 294 6.05 -4.33 19.03
C ASN A 294 6.69 -2.99 18.72
N VAL A 295 5.87 -1.94 18.59
CA VAL A 295 6.41 -0.62 18.30
C VAL A 295 7.13 -0.04 19.51
N LEU A 296 6.56 -0.23 20.70
CA LEU A 296 7.23 0.28 21.90
C LEU A 296 8.53 -0.47 22.18
N LYS A 297 8.61 -1.74 21.78
CA LYS A 297 9.83 -2.52 21.97
C LYS A 297 10.88 -2.15 20.94
N ARG A 298 10.52 -2.24 19.65
CA ARG A 298 11.49 -2.04 18.59
C ARG A 298 11.82 -0.56 18.40
N VAL A 299 10.80 0.25 18.13
CA VAL A 299 11.07 1.65 17.77
C VAL A 299 11.48 2.46 18.99
N PHE A 300 10.80 2.26 20.12
CA PHE A 300 11.03 3.08 21.30
C PHE A 300 11.99 2.45 22.30
N GLY A 301 12.49 1.26 22.04
CA GLY A 301 13.49 0.66 22.92
C GLY A 301 13.03 0.39 24.34
N MET A 302 11.75 0.07 24.53
CA MET A 302 11.22 -0.22 25.86
C MET A 302 11.40 -1.70 26.22
N PHE A 303 11.00 -2.03 27.46
CA PHE A 303 11.00 -3.41 27.95
C PHE A 303 12.39 -4.04 27.91
N ARG A 304 13.42 -3.26 28.22
CA ARG A 304 14.78 -3.79 28.26
C ARG A 304 15.35 -3.88 29.67
N GLN A 305 14.73 -3.24 30.65
CA GLN A 305 15.16 -3.32 32.04
C GLN A 305 14.56 -4.57 32.69
N ALA A 306 15.41 -5.44 33.25
CA ALA A 306 14.97 -6.72 33.78
C ALA A 306 14.28 -6.60 35.12
N SER A 307 13.97 -5.38 35.57
CA SER A 307 13.21 -5.23 36.82
C SER A 307 11.77 -5.66 36.61
N ASP A 308 11.15 -5.25 35.51
CA ASP A 308 9.82 -5.70 35.15
C ASP A 308 9.79 -6.75 34.05
N ARG A 309 10.68 -7.74 34.17
CA ARG A 309 10.76 -8.80 33.17
C ARG A 309 9.55 -9.75 33.20
N GLU A 310 8.96 -9.91 34.39
CA GLU A 310 7.88 -10.89 34.54
C GLU A 310 6.64 -10.31 33.86
N ALA A 311 6.31 -9.05 34.17
CA ALA A 311 5.11 -8.45 33.59
C ALA A 311 5.22 -8.28 32.08
N VAL A 312 6.43 -8.03 31.58
CA VAL A 312 6.61 -7.88 30.14
C VAL A 312 6.41 -9.20 29.43
N TYR A 313 6.92 -10.28 30.00
CA TYR A 313 6.76 -11.58 29.36
C TYR A 313 5.32 -12.04 29.39
N ALA A 314 4.60 -11.77 30.50
CA ALA A 314 3.19 -12.14 30.54
C ALA A 314 2.38 -11.31 29.56
N ALA A 315 2.78 -10.05 29.32
CA ALA A 315 2.06 -9.21 28.37
C ALA A 315 2.23 -9.73 26.95
N PHE A 316 3.47 -9.95 26.52
CA PHE A 316 3.71 -10.42 25.16
C PHE A 316 3.10 -11.79 24.95
N THR A 317 3.11 -12.64 25.97
CA THR A 317 2.49 -13.96 25.85
C THR A 317 1.00 -13.84 25.53
N PHE A 318 0.29 -13.03 26.32
CA PHE A 318 -1.14 -12.82 26.06
C PHE A 318 -1.36 -12.17 24.70
N SER A 319 -0.46 -11.28 24.29
CA SER A 319 -0.59 -10.66 22.98
C SER A 319 -0.42 -11.68 21.85
N HIS A 320 0.45 -12.66 22.03
CA HIS A 320 0.60 -13.69 21.00
C HIS A 320 -0.64 -14.56 20.93
N TRP A 321 -1.21 -14.92 22.08
CA TRP A 321 -2.43 -15.72 22.09
C TRP A 321 -3.60 -14.96 21.48
N LEU A 322 -3.69 -13.66 21.74
CA LEU A 322 -4.78 -12.86 21.19
C LEU A 322 -4.79 -12.90 19.66
N VAL A 323 -3.62 -12.98 19.04
CA VAL A 323 -3.57 -13.05 17.58
C VAL A 323 -4.30 -14.31 17.09
N TYR A 324 -4.04 -15.44 17.74
CA TYR A 324 -4.71 -16.68 17.37
C TYR A 324 -6.15 -16.72 17.84
N ALA A 325 -6.47 -16.05 18.94
CA ALA A 325 -7.87 -16.00 19.38
C ALA A 325 -8.75 -15.36 18.32
N ASN A 326 -8.21 -14.42 17.55
CA ASN A 326 -8.99 -13.81 16.48
C ASN A 326 -9.37 -14.84 15.42
N SER A 327 -8.50 -15.81 15.16
CA SER A 327 -8.82 -16.83 14.17
C SER A 327 -10.03 -17.67 14.59
N ALA A 328 -10.20 -17.89 15.90
CA ALA A 328 -11.37 -18.62 16.38
C ALA A 328 -12.59 -17.73 16.51
N ALA A 329 -12.38 -16.43 16.74
CA ALA A 329 -13.50 -15.52 16.96
C ALA A 329 -14.35 -15.36 15.70
N ASN A 330 -13.70 -15.18 14.55
CA ASN A 330 -14.43 -14.87 13.32
C ASN A 330 -15.52 -15.90 12.99
N PRO A 331 -15.25 -17.20 12.98
CA PRO A 331 -16.33 -18.15 12.73
C PRO A 331 -17.46 -18.04 13.74
N ILE A 332 -17.14 -17.71 14.99
CA ILE A 332 -18.18 -17.50 15.98
C ILE A 332 -19.02 -16.28 15.63
N ILE A 333 -18.38 -15.23 15.11
CA ILE A 333 -19.12 -14.02 14.73
C ILE A 333 -20.09 -14.33 13.61
N TYR A 334 -19.68 -15.15 12.64
CA TYR A 334 -20.59 -15.50 11.54
C TYR A 334 -21.80 -16.27 12.06
N ASN A 335 -21.61 -17.10 13.08
CA ASN A 335 -22.69 -17.93 13.58
C ASN A 335 -23.82 -17.09 14.18
N PHE A 336 -23.47 -15.97 14.82
CA PHE A 336 -24.47 -15.15 15.49
C PHE A 336 -24.98 -13.99 14.64
N LEU A 337 -24.14 -13.42 13.78
CA LEU A 337 -24.52 -12.26 12.97
C LEU A 337 -24.82 -12.62 11.52
N SER A 338 -24.85 -13.91 11.18
CA SER A 338 -25.22 -14.35 9.84
C SER A 338 -26.11 -15.57 9.97
N GLY A 339 -27.38 -15.42 9.60
CA GLY A 339 -28.30 -16.54 9.65
C GLY A 339 -28.00 -17.61 8.62
N LYS A 340 -27.33 -17.23 7.52
CA LYS A 340 -26.96 -18.23 6.53
C LYS A 340 -25.80 -19.09 7.01
N PHE A 341 -24.80 -18.48 7.65
CA PHE A 341 -23.73 -19.26 8.26
C PHE A 341 -24.26 -20.05 9.45
N ARG A 342 -25.12 -19.44 10.26
CA ARG A 342 -25.75 -20.18 11.36
C ARG A 342 -26.46 -21.42 10.82
N GLU A 343 -27.22 -21.25 9.74
CA GLU A 343 -27.93 -22.37 9.14
C GLU A 343 -26.97 -23.45 8.64
N GLN A 344 -25.82 -23.04 8.13
CA GLN A 344 -24.83 -24.02 7.65
C GLN A 344 -24.09 -24.70 8.80
N PHE A 345 -23.81 -23.95 9.87
CA PHE A 345 -23.19 -24.54 11.04
C PHE A 345 -24.15 -25.48 11.76
N LYS A 346 -25.45 -25.26 11.61
CA LYS A 346 -26.43 -26.18 12.17
C LYS A 346 -26.34 -27.54 11.49
N ALA A 347 -26.33 -27.54 10.14
CA ALA A 347 -26.30 -28.79 9.40
C ALA A 347 -25.00 -29.55 9.60
N ALA A 348 -23.87 -28.85 9.68
CA ALA A 348 -22.60 -29.57 9.84
C ALA A 348 -22.52 -30.29 11.17
N PHE A 349 -23.17 -29.74 12.20
CA PHE A 349 -23.19 -30.33 13.53
C PHE A 349 -24.22 -31.44 13.69
N SER A 350 -25.20 -31.52 12.79
CA SER A 350 -26.15 -32.62 12.85
C SER A 350 -25.55 -33.89 12.23
N TRP A 351 -24.81 -33.71 11.13
CA TRP A 351 -24.17 -34.83 10.47
C TRP A 351 -23.18 -35.54 11.39
N TRP A 352 -22.59 -34.81 12.32
CA TRP A 352 -21.59 -35.33 13.25
C TRP A 352 -22.19 -36.02 14.46
N LEU A 353 -23.32 -35.56 14.95
CA LEU A 353 -23.93 -36.17 16.12
C LEU A 353 -24.81 -37.34 15.71
N ALA B 1 23.53 58.85 -10.47
CA ALA B 1 24.63 59.80 -10.46
C ALA B 1 25.87 59.19 -9.82
N ALA B 2 26.21 59.66 -8.63
CA ALA B 2 27.45 59.21 -8.00
C ALA B 2 27.29 57.81 -7.42
N SER B 3 26.16 57.56 -6.76
CA SER B 3 25.95 56.31 -6.07
C SER B 3 25.06 55.40 -6.90
N GLU B 4 25.65 54.85 -7.95
CA GLU B 4 25.02 53.79 -8.74
C GLU B 4 25.08 52.44 -8.06
N ASP B 5 25.88 52.31 -7.00
CA ASP B 5 26.01 51.03 -6.32
C ASP B 5 24.66 50.53 -5.83
N GLU B 6 23.87 51.40 -5.20
CA GLU B 6 22.62 50.94 -4.59
C GLU B 6 21.49 50.88 -5.61
N PHE B 7 21.44 51.82 -6.55
CA PHE B 7 20.34 51.85 -7.51
C PHE B 7 20.35 50.61 -8.39
N LEU B 8 21.54 50.10 -8.73
CA LEU B 8 21.62 48.89 -9.51
C LEU B 8 21.26 47.65 -8.70
N ARG B 9 21.34 47.73 -7.36
CA ARG B 9 20.92 46.63 -6.51
C ARG B 9 19.41 46.62 -6.29
N TYR B 10 18.79 47.80 -6.19
CA TYR B 10 17.34 47.85 -6.06
C TYR B 10 16.64 47.66 -7.39
N LEU B 11 17.28 48.06 -8.50
CA LEU B 11 16.72 47.74 -9.81
C LEU B 11 16.65 46.24 -10.04
N TRP B 12 17.61 45.50 -9.47
CA TRP B 12 17.57 44.05 -9.59
C TRP B 12 16.54 43.44 -8.64
N ARG B 13 16.53 43.90 -7.39
CA ARG B 13 15.65 43.29 -6.40
C ARG B 13 14.18 43.56 -6.70
N ASP B 14 13.88 44.74 -7.24
CA ASP B 14 12.50 45.15 -7.44
C ASP B 14 11.99 44.94 -8.85
N TYR B 15 12.87 44.66 -9.81
CA TYR B 15 12.41 44.51 -11.19
C TYR B 15 13.11 43.37 -11.90
N LEU B 16 14.44 43.44 -12.03
CA LEU B 16 15.14 42.48 -12.87
C LEU B 16 14.94 41.06 -12.35
N TYR B 17 14.99 40.87 -11.02
CA TYR B 17 14.89 39.50 -10.51
C TYR B 17 13.46 38.98 -10.58
N PRO B 18 12.45 39.69 -10.07
CA PRO B 18 11.08 39.16 -10.15
C PRO B 18 10.64 38.87 -11.56
N LYS B 19 11.07 39.64 -12.55
CA LYS B 19 10.78 39.29 -13.93
C LYS B 19 11.52 38.01 -14.33
N GLN B 20 12.82 37.93 -14.00
CA GLN B 20 13.60 36.75 -14.35
C GLN B 20 13.12 35.52 -13.60
N TYR B 21 12.64 35.70 -12.36
CA TYR B 21 12.05 34.57 -11.63
C TYR B 21 10.79 34.10 -12.30
N ALA B 22 9.91 35.03 -12.67
CA ALA B 22 8.63 34.67 -13.26
C ALA B 22 8.80 34.02 -14.61
N TRP B 23 9.76 34.51 -15.41
CA TRP B 23 9.92 33.96 -16.76
C TRP B 23 10.43 32.53 -16.70
N VAL B 24 11.40 32.26 -15.83
CA VAL B 24 11.90 30.89 -15.69
C VAL B 24 10.82 29.98 -15.14
N LEU B 25 9.96 30.50 -14.26
CA LEU B 25 8.89 29.68 -13.70
C LEU B 25 7.89 29.28 -14.77
N ILE B 26 7.39 30.24 -15.53
CA ILE B 26 6.41 29.93 -16.57
C ILE B 26 7.05 29.11 -17.68
N ALA B 27 8.30 29.41 -18.04
CA ALA B 27 8.96 28.66 -19.10
C ALA B 27 9.15 27.20 -18.71
N ALA B 28 9.55 26.94 -17.46
CA ALA B 28 9.73 25.55 -17.03
C ALA B 28 8.38 24.83 -16.96
N TYR B 29 7.34 25.52 -16.50
CA TYR B 29 6.02 24.89 -16.43
C TYR B 29 5.45 24.62 -17.81
N VAL B 30 5.75 25.49 -18.79
CA VAL B 30 5.25 25.26 -20.14
C VAL B 30 5.98 24.11 -20.80
N ALA B 31 7.30 24.02 -20.59
CA ALA B 31 8.08 22.94 -21.20
C ALA B 31 7.63 21.57 -20.68
N VAL B 32 7.42 21.45 -19.37
CA VAL B 32 6.96 20.17 -18.83
C VAL B 32 5.56 19.85 -19.34
N PHE B 33 4.74 20.88 -19.54
CA PHE B 33 3.38 20.65 -20.03
C PHE B 33 3.39 20.02 -21.43
N VAL B 34 4.15 20.61 -22.36
CA VAL B 34 4.19 20.09 -23.72
C VAL B 34 4.88 18.74 -23.76
N VAL B 35 6.05 18.64 -23.14
CA VAL B 35 6.83 17.40 -23.22
C VAL B 35 6.07 16.24 -22.61
N ALA B 36 5.44 16.45 -21.45
CA ALA B 36 4.70 15.37 -20.80
C ALA B 36 3.51 14.93 -21.65
N LEU B 37 2.78 15.88 -22.23
CA LEU B 37 1.64 15.54 -23.06
C LEU B 37 2.08 14.85 -24.35
N VAL B 38 3.00 15.47 -25.08
CA VAL B 38 3.49 14.87 -26.32
C VAL B 38 4.10 13.49 -26.04
N GLY B 39 4.96 13.41 -25.02
CA GLY B 39 5.61 12.15 -24.71
C GLY B 39 4.65 11.06 -24.29
N ASN B 40 3.80 11.36 -23.30
CA ASN B 40 2.91 10.33 -22.77
C ASN B 40 1.88 9.87 -23.79
N THR B 41 1.49 10.75 -24.72
CA THR B 41 0.60 10.30 -25.78
C THR B 41 1.32 9.35 -26.72
N LEU B 42 2.59 9.63 -27.02
CA LEU B 42 3.37 8.72 -27.85
C LEU B 42 3.61 7.39 -27.15
N VAL B 43 3.67 7.39 -25.82
CA VAL B 43 3.88 6.13 -25.11
C VAL B 43 2.68 5.22 -25.30
N CYS B 44 1.48 5.80 -25.32
CA CYS B 44 0.28 4.99 -25.57
C CYS B 44 0.22 4.55 -27.02
N LEU B 45 0.55 5.45 -27.95
CA LEU B 45 0.51 5.10 -29.36
C LEU B 45 1.54 4.02 -29.69
N ALA B 46 2.70 4.06 -29.02
CA ALA B 46 3.74 3.07 -29.32
C ALA B 46 3.31 1.67 -28.91
N VAL B 47 2.64 1.55 -27.75
CA VAL B 47 2.16 0.25 -27.32
C VAL B 47 0.95 -0.19 -28.14
N TRP B 48 0.14 0.77 -28.58
CA TRP B 48 -1.06 0.43 -29.35
C TRP B 48 -0.72 -0.09 -30.74
N ARG B 49 0.23 0.55 -31.42
CA ARG B 49 0.57 0.13 -32.78
C ARG B 49 1.38 -1.17 -32.77
N ASN B 50 2.34 -1.30 -31.85
CA ASN B 50 3.18 -2.49 -31.79
C ASN B 50 2.54 -3.52 -30.88
N HIS B 51 2.07 -4.60 -31.49
CA HIS B 51 1.45 -5.70 -30.76
C HIS B 51 2.47 -6.48 -29.95
N HIS B 52 3.73 -6.54 -30.41
CA HIS B 52 4.77 -7.22 -29.66
C HIS B 52 5.22 -6.44 -28.45
N MET B 53 4.96 -5.14 -28.43
CA MET B 53 5.30 -4.27 -27.32
C MET B 53 4.26 -4.29 -26.22
N ARG B 54 3.17 -5.05 -26.39
CA ARG B 54 2.11 -5.14 -25.39
C ARG B 54 2.48 -6.15 -24.32
N THR B 55 3.53 -5.81 -23.58
CA THR B 55 3.97 -6.61 -22.45
C THR B 55 3.18 -6.21 -21.22
N VAL B 56 3.18 -7.10 -20.23
CA VAL B 56 2.54 -6.77 -18.96
C VAL B 56 3.15 -5.48 -18.39
N THR B 57 4.48 -5.41 -18.37
CA THR B 57 5.17 -4.20 -17.94
C THR B 57 4.69 -2.99 -18.73
N ASN B 58 4.66 -3.10 -20.06
CA ASN B 58 4.28 -1.95 -20.88
C ASN B 58 2.81 -1.60 -20.71
N TYR B 59 1.98 -2.56 -20.32
CA TYR B 59 0.59 -2.23 -19.99
C TYR B 59 0.52 -1.38 -18.73
N PHE B 60 1.35 -1.71 -17.74
CA PHE B 60 1.45 -0.88 -16.55
C PHE B 60 2.06 0.48 -16.86
N LEU B 61 3.04 0.52 -17.78
CA LEU B 61 3.66 1.79 -18.14
C LEU B 61 2.68 2.69 -18.86
N VAL B 62 1.73 2.13 -19.61
CA VAL B 62 0.71 2.95 -20.23
C VAL B 62 -0.24 3.50 -19.20
N ASN B 63 -0.57 2.68 -18.19
CA ASN B 63 -1.39 3.18 -17.09
C ASN B 63 -0.67 4.29 -16.33
N LEU B 64 0.65 4.18 -16.22
CA LEU B 64 1.42 5.26 -15.60
C LEU B 64 1.36 6.53 -16.42
N SER B 65 1.30 6.40 -17.75
CA SER B 65 1.14 7.58 -18.61
C SER B 65 -0.26 8.17 -18.48
N LEU B 66 -1.27 7.32 -18.29
CA LEU B 66 -2.62 7.82 -18.12
C LEU B 66 -2.76 8.65 -16.85
N ALA B 67 -1.99 8.29 -15.81
CA ALA B 67 -1.96 9.12 -14.61
C ALA B 67 -1.24 10.44 -14.87
N ASP B 68 -0.07 10.37 -15.52
CA ASP B 68 0.71 11.58 -15.75
C ASP B 68 -0.05 12.59 -16.61
N VAL B 69 -0.80 12.11 -17.60
CA VAL B 69 -1.55 13.04 -18.44
C VAL B 69 -2.70 13.68 -17.66
N LEU B 70 -3.29 12.95 -16.72
CA LEU B 70 -4.35 13.53 -15.90
C LEU B 70 -3.80 14.65 -15.03
N ALA B 71 -2.58 14.46 -14.50
CA ALA B 71 -1.97 15.51 -13.69
C ALA B 71 -1.54 16.69 -14.55
N THR B 72 -0.86 16.41 -15.66
CA THR B 72 -0.35 17.48 -16.52
C THR B 72 -1.47 18.33 -17.09
N ALA B 73 -2.50 17.68 -17.66
CA ALA B 73 -3.54 18.42 -18.34
C ALA B 73 -4.38 19.25 -17.37
N ILE B 74 -4.81 18.65 -16.27
CA ILE B 74 -5.75 19.31 -15.37
C ILE B 74 -5.05 20.03 -14.23
N CYS B 75 -4.17 19.33 -13.51
CA CYS B 75 -3.61 19.90 -12.29
C CYS B 75 -2.45 20.86 -12.56
N LEU B 76 -1.66 20.61 -13.60
CA LEU B 76 -0.51 21.49 -13.86
C LEU B 76 -0.93 22.95 -14.05
N PRO B 77 -1.93 23.28 -14.88
CA PRO B 77 -2.28 24.70 -15.02
C PRO B 77 -2.67 25.37 -13.71
N ALA B 78 -3.39 24.66 -12.83
CA ALA B 78 -3.69 25.21 -11.52
C ALA B 78 -2.44 25.38 -10.69
N SER B 79 -1.45 24.51 -10.90
CA SER B 79 -0.20 24.60 -10.16
C SER B 79 0.55 25.88 -10.47
N LEU B 80 0.56 26.28 -11.76
CA LEU B 80 1.34 27.44 -12.16
C LEU B 80 0.78 28.72 -11.57
N LEU B 81 -0.55 28.93 -11.69
CA LEU B 81 -1.14 30.15 -11.15
C LEU B 81 -1.06 30.20 -9.62
N VAL B 82 -1.17 29.05 -8.96
CA VAL B 82 -1.07 29.06 -7.51
C VAL B 82 0.33 29.43 -7.07
N ASP B 83 1.33 28.92 -7.80
CA ASP B 83 2.73 29.26 -7.50
C ASP B 83 3.06 30.69 -7.92
N ILE B 84 2.28 31.27 -8.84
CA ILE B 84 2.51 32.64 -9.28
C ILE B 84 1.78 33.61 -8.36
N THR B 85 0.45 33.53 -8.36
CA THR B 85 -0.37 34.43 -7.54
C THR B 85 -0.37 34.05 -6.07
N GLU B 86 -0.08 32.80 -5.73
CA GLU B 86 -0.16 32.32 -4.35
C GLU B 86 -1.59 32.42 -3.80
N SER B 87 -2.58 32.34 -4.67
CA SER B 87 -3.98 32.35 -4.26
C SER B 87 -4.77 31.46 -5.21
N TRP B 88 -5.96 31.05 -4.75
CA TRP B 88 -6.83 30.15 -5.51
C TRP B 88 -7.90 30.96 -6.24
N LEU B 89 -7.89 30.87 -7.58
CA LEU B 89 -8.83 31.63 -8.40
C LEU B 89 -9.80 30.73 -9.17
N PHE B 90 -9.96 29.46 -8.77
CA PHE B 90 -10.81 28.53 -9.49
C PHE B 90 -12.09 28.15 -8.74
N GLY B 91 -12.36 28.76 -7.58
CA GLY B 91 -13.59 28.50 -6.87
C GLY B 91 -13.54 27.28 -5.96
N HIS B 92 -14.57 27.15 -5.14
CA HIS B 92 -14.59 26.11 -4.11
C HIS B 92 -14.75 24.71 -4.68
N ALA B 93 -15.51 24.54 -5.76
CA ALA B 93 -15.71 23.19 -6.27
C ALA B 93 -14.40 22.60 -6.78
N LEU B 94 -13.63 23.38 -7.55
CA LEU B 94 -12.34 22.92 -8.05
C LEU B 94 -11.29 22.86 -6.95
N CYS B 95 -11.53 23.53 -5.81
CA CYS B 95 -10.60 23.44 -4.69
C CYS B 95 -10.53 22.02 -4.14
N LYS B 96 -11.60 21.26 -4.27
CA LYS B 96 -11.60 19.86 -3.86
C LYS B 96 -11.25 18.92 -5.01
N VAL B 97 -11.76 19.21 -6.21
CA VAL B 97 -11.55 18.31 -7.35
C VAL B 97 -10.07 18.25 -7.71
N ILE B 98 -9.50 19.40 -8.07
CA ILE B 98 -8.13 19.41 -8.60
C ILE B 98 -7.13 18.83 -7.61
N PRO B 99 -7.09 19.24 -6.34
CA PRO B 99 -6.18 18.59 -5.40
C PRO B 99 -6.44 17.10 -5.26
N TYR B 100 -7.70 16.67 -5.39
CA TYR B 100 -8.01 15.25 -5.33
C TYR B 100 -7.44 14.53 -6.55
N LEU B 101 -7.61 15.09 -7.75
CA LEU B 101 -7.06 14.48 -8.94
C LEU B 101 -5.53 14.44 -8.88
N GLN B 102 -4.91 15.46 -8.27
CA GLN B 102 -3.47 15.42 -8.07
C GLN B 102 -3.07 14.29 -7.14
N ALA B 103 -3.80 14.14 -6.02
CA ALA B 103 -3.51 13.05 -5.09
C ALA B 103 -3.74 11.69 -5.74
N VAL B 104 -4.83 11.56 -6.51
CA VAL B 104 -5.11 10.29 -7.18
C VAL B 104 -4.02 9.96 -8.19
N SER B 105 -3.52 11.00 -8.88
CA SER B 105 -2.46 10.77 -9.86
C SER B 105 -1.20 10.21 -9.21
N VAL B 106 -0.96 10.58 -7.95
CA VAL B 106 0.22 10.06 -7.26
C VAL B 106 0.02 8.61 -6.86
N SER B 107 -1.15 8.29 -6.29
CA SER B 107 -1.41 6.92 -5.87
C SER B 107 -1.37 5.96 -7.05
N VAL B 108 -1.91 6.38 -8.19
CA VAL B 108 -1.88 5.52 -9.37
C VAL B 108 -0.45 5.27 -9.81
N ALA B 109 0.39 6.31 -9.75
CA ALA B 109 1.79 6.17 -10.15
C ALA B 109 2.52 5.17 -9.27
N VAL B 110 2.54 5.41 -7.97
CA VAL B 110 3.34 4.57 -7.09
C VAL B 110 2.80 3.14 -7.05
N LEU B 111 1.48 2.97 -7.14
CA LEU B 111 0.93 1.62 -7.18
C LEU B 111 1.26 0.91 -8.49
N THR B 112 1.36 1.66 -9.59
CA THR B 112 1.75 1.05 -10.85
C THR B 112 3.20 0.60 -10.82
N LEU B 113 4.08 1.45 -10.29
CA LEU B 113 5.48 1.07 -10.15
C LEU B 113 5.63 -0.12 -9.20
N SER B 114 4.78 -0.20 -8.18
CA SER B 114 4.85 -1.33 -7.25
C SER B 114 4.44 -2.63 -7.92
N PHE B 115 3.36 -2.61 -8.69
CA PHE B 115 2.92 -3.82 -9.37
C PHE B 115 3.91 -4.24 -10.44
N ILE B 116 4.57 -3.28 -11.09
CA ILE B 116 5.61 -3.64 -12.05
C ILE B 116 6.75 -4.37 -11.37
N ALA B 117 7.24 -3.83 -10.25
CA ALA B 117 8.31 -4.49 -9.52
C ALA B 117 7.87 -5.85 -8.99
N LEU B 118 6.64 -5.93 -8.48
CA LEU B 118 6.13 -7.21 -8.01
C LEU B 118 6.03 -8.23 -9.13
N ASP B 119 5.71 -7.77 -10.34
CA ASP B 119 5.65 -8.66 -11.49
C ASP B 119 7.03 -9.14 -11.90
N ARG B 120 8.00 -8.22 -11.98
CA ARG B 120 9.35 -8.59 -12.36
C ARG B 120 10.00 -9.49 -11.32
N TRP B 121 9.67 -9.27 -10.04
CA TRP B 121 10.29 -10.06 -8.97
C TRP B 121 9.82 -11.51 -9.01
N TYR B 122 8.52 -11.73 -9.21
CA TYR B 122 8.02 -13.09 -9.36
C TYR B 122 8.42 -13.72 -10.68
N ALA B 123 8.76 -12.92 -11.68
CA ALA B 123 9.19 -13.46 -12.97
C ALA B 123 10.64 -13.90 -12.94
N ILE B 124 11.53 -13.04 -12.45
CA ILE B 124 12.95 -13.34 -12.46
C ILE B 124 13.38 -14.15 -11.23
N CYS B 125 12.84 -13.82 -10.05
CA CYS B 125 13.35 -14.43 -8.83
C CYS B 125 12.59 -15.70 -8.43
N HIS B 126 11.28 -15.74 -8.63
CA HIS B 126 10.46 -16.89 -8.25
C HIS B 126 9.55 -17.25 -9.43
N PRO B 127 10.15 -17.83 -10.48
CA PRO B 127 9.51 -17.83 -11.81
C PRO B 127 8.17 -18.55 -11.94
N LEU B 128 7.88 -19.58 -11.14
CA LEU B 128 6.71 -20.41 -11.42
C LEU B 128 5.64 -20.37 -10.34
N LEU B 129 5.68 -19.39 -9.43
CA LEU B 129 4.63 -19.29 -8.43
C LEU B 129 3.38 -18.64 -9.01
N PHE B 130 3.47 -17.38 -9.43
CA PHE B 130 2.37 -16.66 -10.04
C PHE B 130 2.71 -16.33 -11.48
N LYS B 131 1.71 -16.43 -12.36
CA LYS B 131 1.88 -16.15 -13.78
C LYS B 131 1.11 -14.89 -14.16
N SER B 132 1.80 -13.97 -14.86
CA SER B 132 1.23 -12.72 -15.29
C SER B 132 0.75 -12.81 -16.74
N THR B 133 -0.48 -12.38 -16.99
CA THR B 133 -1.06 -12.31 -18.32
C THR B 133 -1.54 -10.89 -18.58
N ALA B 134 -1.94 -10.64 -19.84
CA ALA B 134 -2.49 -9.34 -20.18
C ALA B 134 -3.86 -9.10 -19.56
N ARG B 135 -4.66 -10.16 -19.40
CA ARG B 135 -5.95 -9.98 -18.73
C ARG B 135 -5.75 -9.70 -17.25
N ARG B 136 -4.74 -10.32 -16.64
CA ARG B 136 -4.45 -10.07 -15.23
C ARG B 136 -3.87 -8.68 -15.03
N ALA B 137 -3.17 -8.15 -16.04
CA ALA B 137 -2.63 -6.79 -15.93
C ALA B 137 -3.75 -5.75 -15.95
N LEU B 138 -4.65 -5.86 -16.92
CA LEU B 138 -5.76 -4.91 -17.01
C LEU B 138 -6.67 -5.01 -15.79
N GLY B 139 -6.76 -6.19 -15.17
CA GLY B 139 -7.50 -6.29 -13.93
C GLY B 139 -6.80 -5.59 -12.79
N SER B 140 -5.47 -5.68 -12.75
CA SER B 140 -4.72 -4.94 -11.75
C SER B 140 -4.81 -3.44 -12.00
N ILE B 141 -4.74 -3.02 -13.26
CA ILE B 141 -4.80 -1.60 -13.57
C ILE B 141 -6.13 -1.01 -13.12
N LEU B 142 -7.22 -1.77 -13.26
CA LEU B 142 -8.51 -1.29 -12.75
C LEU B 142 -8.54 -1.31 -11.23
N GLY B 143 -7.79 -2.20 -10.60
CA GLY B 143 -7.69 -2.18 -9.15
C GLY B 143 -6.88 -1.01 -8.64
N ILE B 144 -5.84 -0.64 -9.38
CA ILE B 144 -5.01 0.49 -8.96
C ILE B 144 -5.84 1.77 -8.91
N TRP B 145 -6.76 1.93 -9.86
CA TRP B 145 -7.60 3.11 -9.87
C TRP B 145 -8.70 3.04 -8.81
N ALA B 146 -9.28 1.86 -8.60
CA ALA B 146 -10.31 1.72 -7.57
C ALA B 146 -9.75 2.07 -6.19
N VAL B 147 -8.49 1.69 -5.93
CA VAL B 147 -7.88 2.01 -4.65
C VAL B 147 -7.50 3.49 -4.60
N SER B 148 -6.82 3.98 -5.64
CA SER B 148 -6.37 5.37 -5.63
C SER B 148 -7.54 6.34 -5.49
N LEU B 149 -8.65 6.06 -6.18
CA LEU B 149 -9.81 6.93 -6.06
C LEU B 149 -10.40 6.88 -4.66
N ALA B 150 -10.34 5.72 -4.01
CA ALA B 150 -10.95 5.58 -2.68
C ALA B 150 -10.10 6.26 -1.60
N ILE B 151 -8.82 5.92 -1.51
CA ILE B 151 -7.99 6.36 -0.40
C ILE B 151 -7.73 7.86 -0.42
N MET B 152 -7.97 8.54 -1.52
CA MET B 152 -7.80 9.98 -1.60
C MET B 152 -9.08 10.76 -1.33
N VAL B 153 -10.19 10.07 -1.06
CA VAL B 153 -11.43 10.76 -0.71
C VAL B 153 -11.26 11.61 0.53
N PRO B 154 -10.65 11.14 1.61
CA PRO B 154 -10.44 12.02 2.79
C PRO B 154 -9.64 13.25 2.46
N GLN B 155 -8.71 13.17 1.50
CA GLN B 155 -7.96 14.35 1.11
C GLN B 155 -8.87 15.41 0.50
N ALA B 156 -9.81 14.98 -0.36
CA ALA B 156 -10.75 15.93 -0.93
C ALA B 156 -11.68 16.52 0.13
N ALA B 157 -12.03 15.74 1.15
CA ALA B 157 -12.92 16.24 2.19
C ALA B 157 -12.30 17.39 2.96
N VAL B 158 -10.98 17.35 3.18
CA VAL B 158 -10.35 18.40 3.98
C VAL B 158 -10.06 19.65 3.17
N MET B 159 -10.01 19.57 1.84
CA MET B 159 -9.73 20.75 1.03
C MET B 159 -10.87 21.74 1.17
N GLU B 160 -10.52 22.99 1.51
CA GLU B 160 -11.50 24.05 1.66
C GLU B 160 -10.94 25.35 1.10
N CYS B 161 -11.75 26.07 0.32
CA CYS B 161 -11.38 27.38 -0.18
C CYS B 161 -11.94 28.44 0.75
N SER B 162 -11.09 29.32 1.25
CA SER B 162 -11.51 30.31 2.24
C SER B 162 -10.80 31.63 2.00
N SER B 163 -11.50 32.72 2.30
CA SER B 163 -10.98 34.06 2.12
C SER B 163 -10.18 34.52 3.35
N PHE B 175 -9.80 37.51 -2.56
CA PHE B 175 -8.54 36.80 -2.36
C PHE B 175 -8.78 35.61 -1.44
N SER B 176 -9.12 34.47 -2.05
CA SER B 176 -9.32 33.22 -1.33
C SER B 176 -8.15 32.28 -1.58
N VAL B 177 -7.89 31.40 -0.61
CA VAL B 177 -6.82 30.41 -0.71
C VAL B 177 -7.41 29.03 -0.46
N CYS B 178 -6.92 28.04 -1.22
CA CYS B 178 -7.37 26.66 -1.12
C CYS B 178 -6.34 25.85 -0.33
N ASP B 179 -6.70 25.49 0.90
CA ASP B 179 -5.82 24.71 1.76
C ASP B 179 -6.63 23.71 2.57
N GLU B 180 -5.92 22.82 3.26
CA GLU B 180 -6.54 21.81 4.10
C GLU B 180 -7.09 22.45 5.37
N ARG B 181 -8.28 22.01 5.79
CA ARG B 181 -8.94 22.51 7.00
C ARG B 181 -9.08 21.37 8.01
N TRP B 182 -8.17 21.35 9.00
CA TRP B 182 -8.22 20.36 10.07
C TRP B 182 -8.86 20.95 11.33
N ALA B 183 -9.60 20.12 12.06
CA ALA B 183 -10.24 20.56 13.28
C ALA B 183 -9.36 20.44 14.52
N ASP B 184 -8.17 19.87 14.40
CA ASP B 184 -7.31 19.71 15.57
C ASP B 184 -5.87 19.48 15.09
N ASP B 185 -4.92 19.85 15.95
CA ASP B 185 -3.51 19.73 15.60
C ASP B 185 -3.08 18.29 15.36
N LEU B 186 -3.68 17.35 16.08
CA LEU B 186 -3.21 15.96 16.00
C LEU B 186 -3.55 15.32 14.67
N ALA B 187 -4.75 15.57 14.15
CA ALA B 187 -5.22 14.88 12.95
C ALA B 187 -4.26 14.99 11.78
N PRO B 188 -3.86 16.20 11.39
CA PRO B 188 -2.89 16.32 10.28
C PRO B 188 -1.57 15.61 10.55
N LYS B 189 -1.10 15.60 11.80
CA LYS B 189 0.17 14.96 12.12
C LYS B 189 0.11 13.47 11.87
N ILE B 190 -1.01 12.83 12.20
CA ILE B 190 -1.15 11.39 11.97
C ILE B 190 -1.43 11.10 10.50
N TYR B 191 -2.35 11.87 9.90
CA TYR B 191 -2.73 11.65 8.51
C TYR B 191 -1.51 11.71 7.59
N HIS B 192 -0.78 12.81 7.63
CA HIS B 192 0.34 12.98 6.70
C HIS B 192 1.53 12.08 7.04
N SER B 193 1.61 11.59 8.28
CA SER B 193 2.64 10.61 8.59
C SER B 193 2.34 9.28 7.92
N CYS B 194 1.08 8.85 7.95
CA CYS B 194 0.71 7.57 7.33
C CYS B 194 0.86 7.62 5.81
N PHE B 195 0.51 8.75 5.19
CA PHE B 195 0.59 8.83 3.74
C PHE B 195 2.02 9.05 3.23
N PHE B 196 2.93 9.50 4.10
CA PHE B 196 4.34 9.50 3.71
C PHE B 196 4.90 8.09 3.73
N ILE B 197 4.59 7.34 4.80
CA ILE B 197 5.02 5.96 4.88
C ILE B 197 4.38 5.14 3.76
N VAL B 198 3.04 5.21 3.67
CA VAL B 198 2.32 4.30 2.79
C VAL B 198 2.64 4.54 1.32
N THR B 199 2.75 5.81 0.91
CA THR B 199 2.87 6.14 -0.51
C THR B 199 4.26 6.58 -0.94
N TYR B 200 5.24 6.63 -0.04
CA TYR B 200 6.59 6.97 -0.49
C TYR B 200 7.63 6.02 0.10
N LEU B 201 7.80 6.07 1.42
CA LEU B 201 8.89 5.30 2.04
C LEU B 201 8.66 3.81 1.86
N ALA B 202 7.48 3.31 2.21
CA ALA B 202 7.24 1.86 2.14
C ALA B 202 7.35 1.31 0.73
N PRO B 203 6.65 1.84 -0.27
CA PRO B 203 6.79 1.27 -1.62
C PRO B 203 8.20 1.36 -2.17
N LEU B 204 8.84 2.53 -2.04
CA LEU B 204 10.20 2.66 -2.55
C LEU B 204 11.17 1.78 -1.80
N GLY B 205 10.95 1.59 -0.50
CA GLY B 205 11.80 0.68 0.26
C GLY B 205 11.65 -0.75 -0.22
N LEU B 206 10.41 -1.22 -0.37
CA LEU B 206 10.18 -2.58 -0.86
C LEU B 206 10.67 -2.73 -2.30
N MET B 207 10.52 -1.69 -3.11
CA MET B 207 10.95 -1.77 -4.50
C MET B 207 12.47 -1.79 -4.61
N ALA B 208 13.17 -1.01 -3.78
CA ALA B 208 14.62 -1.01 -3.83
C ALA B 208 15.18 -2.39 -3.49
N MET B 209 14.54 -3.11 -2.57
CA MET B 209 14.96 -4.46 -2.25
C MET B 209 14.60 -5.43 -3.37
N ALA B 210 13.46 -5.22 -4.02
CA ALA B 210 13.04 -6.11 -5.10
C ALA B 210 13.99 -6.00 -6.29
N TYR B 211 14.29 -4.78 -6.71
CA TYR B 211 15.20 -4.61 -7.84
C TYR B 211 16.63 -5.00 -7.49
N PHE B 212 17.00 -4.93 -6.22
CA PHE B 212 18.32 -5.42 -5.84
C PHE B 212 18.42 -6.93 -6.00
N GLN B 213 17.36 -7.65 -5.63
CA GLN B 213 17.35 -9.08 -5.88
C GLN B 213 17.27 -9.38 -7.37
N ILE B 214 16.52 -8.56 -8.12
CA ILE B 214 16.48 -8.72 -9.57
C ILE B 214 17.85 -8.44 -10.16
N PHE B 215 18.56 -7.46 -9.62
CA PHE B 215 19.90 -7.14 -10.10
C PHE B 215 20.88 -8.29 -9.86
N ARG B 216 20.82 -8.90 -8.67
CA ARG B 216 21.71 -10.00 -8.36
C ARG B 216 21.41 -11.22 -9.23
N LYS B 217 20.13 -11.47 -9.50
CA LYS B 217 19.76 -12.63 -10.30
C LYS B 217 20.12 -12.45 -11.77
N LEU B 218 20.16 -11.22 -12.25
CA LEU B 218 20.46 -10.96 -13.66
C LEU B 218 21.93 -10.68 -13.94
N TRP B 219 22.63 -9.97 -13.05
CA TRP B 219 24.04 -9.65 -13.26
C TRP B 219 24.99 -10.40 -12.34
N GLY B 220 24.51 -11.43 -11.64
CA GLY B 220 25.40 -12.22 -10.82
C GLY B 220 26.04 -13.34 -11.63
N ARG B 221 26.25 -14.49 -11.00
CA ARG B 221 26.83 -15.63 -11.70
C ARG B 221 25.84 -16.15 -12.74
N GLN B 222 26.38 -16.73 -13.80
CA GLN B 222 25.56 -17.20 -14.92
C GLN B 222 25.45 -18.72 -14.88
N ILE B 223 24.26 -19.22 -15.21
CA ILE B 223 23.89 -20.62 -15.03
C ILE B 223 24.84 -21.52 -15.82
N PRO B 224 25.33 -22.62 -15.24
CA PRO B 224 26.26 -23.47 -16.00
C PRO B 224 25.54 -23.78 -17.29
N GLY B 225 24.41 -24.50 -17.21
CA GLY B 225 23.61 -24.93 -18.34
C GLY B 225 22.58 -24.04 -19.04
N THR B 226 23.04 -22.96 -19.70
CA THR B 226 22.15 -21.98 -20.32
C THR B 226 21.96 -22.23 -21.80
N THR B 227 20.69 -22.31 -22.21
CA THR B 227 20.31 -22.47 -23.61
C THR B 227 20.52 -21.15 -24.37
N SER B 228 20.62 -21.26 -25.70
CA SER B 228 20.73 -20.06 -26.52
C SER B 228 19.51 -19.17 -26.36
N ALA B 261 18.32 -19.74 -26.14
CA ALA B 261 17.15 -18.93 -25.85
C ALA B 261 17.18 -18.42 -24.42
N GLU B 262 17.79 -19.17 -23.50
CA GLU B 262 17.89 -18.69 -22.12
C GLU B 262 18.79 -17.47 -22.04
N VAL B 263 19.78 -17.39 -22.93
CA VAL B 263 20.67 -16.23 -22.93
C VAL B 263 20.02 -15.05 -23.62
N LYS B 264 19.30 -15.30 -24.71
CA LYS B 264 18.60 -14.23 -25.40
C LYS B 264 17.56 -13.58 -24.49
N GLN B 265 17.03 -14.34 -23.54
CA GLN B 265 16.09 -13.79 -22.56
C GLN B 265 16.78 -12.99 -21.47
N MET B 266 17.87 -13.51 -20.92
CA MET B 266 18.56 -12.80 -19.86
C MET B 266 19.18 -11.50 -20.37
N ARG B 267 19.79 -11.52 -21.56
CA ARG B 267 20.36 -10.30 -22.11
C ARG B 267 19.29 -9.24 -22.37
N ALA B 268 18.06 -9.66 -22.66
CA ALA B 268 16.94 -8.76 -22.88
C ALA B 268 16.29 -8.31 -21.59
N ARG B 269 16.07 -9.23 -20.65
CA ARG B 269 15.48 -8.82 -19.38
C ARG B 269 16.39 -7.89 -18.62
N ARG B 270 17.70 -7.96 -18.86
CA ARG B 270 18.62 -7.03 -18.24
C ARG B 270 18.38 -5.61 -18.74
N LYS B 271 18.07 -5.45 -20.02
CA LYS B 271 17.81 -4.10 -20.52
C LYS B 271 16.49 -3.54 -20.02
N THR B 272 15.53 -4.40 -19.71
CA THR B 272 14.28 -3.91 -19.14
C THR B 272 14.46 -3.55 -17.68
N ALA B 273 15.19 -4.37 -16.94
CA ALA B 273 15.49 -4.05 -15.55
C ALA B 273 16.31 -2.77 -15.44
N LYS B 274 17.21 -2.55 -16.39
CA LYS B 274 17.98 -1.31 -16.41
C LYS B 274 17.07 -0.09 -16.59
N MET B 275 16.11 -0.19 -17.52
CA MET B 275 15.19 0.92 -17.75
C MET B 275 14.29 1.14 -16.55
N LEU B 276 13.72 0.07 -16.00
CA LEU B 276 12.78 0.22 -14.89
C LEU B 276 13.45 0.76 -13.64
N MET B 277 14.72 0.40 -13.40
CA MET B 277 15.41 0.92 -12.22
C MET B 277 15.66 2.42 -12.35
N VAL B 278 15.96 2.88 -13.57
CA VAL B 278 16.12 4.31 -13.78
C VAL B 278 14.81 5.04 -13.59
N VAL B 279 13.69 4.40 -13.94
CA VAL B 279 12.39 5.01 -13.75
C VAL B 279 12.09 5.18 -12.26
N VAL B 280 12.28 4.11 -11.49
CA VAL B 280 12.04 4.19 -10.06
C VAL B 280 12.99 5.19 -9.41
N LEU B 281 14.23 5.27 -9.91
CA LEU B 281 15.19 6.19 -9.32
C LEU B 281 14.80 7.63 -9.55
N VAL B 282 14.37 7.98 -10.77
CA VAL B 282 13.94 9.35 -11.03
C VAL B 282 12.68 9.68 -10.27
N PHE B 283 11.74 8.73 -10.18
CA PHE B 283 10.53 8.95 -9.40
C PHE B 283 10.86 9.24 -7.95
N ALA B 284 11.78 8.47 -7.36
CA ALA B 284 12.20 8.70 -5.98
C ALA B 284 12.77 10.10 -5.82
N LEU B 285 13.65 10.50 -6.74
CA LEU B 285 14.27 11.83 -6.65
C LEU B 285 13.25 12.94 -6.89
N CYS B 286 12.32 12.73 -7.83
CA CYS B 286 11.38 13.79 -8.17
C CYS B 286 10.43 14.10 -7.03
N TYR B 287 9.91 13.06 -6.37
CA TYR B 287 8.95 13.25 -5.30
C TYR B 287 9.59 13.39 -3.92
N LEU B 288 10.90 13.23 -3.81
CA LEU B 288 11.55 13.41 -2.52
C LEU B 288 11.33 14.80 -1.95
N PRO B 289 11.56 15.90 -2.69
CA PRO B 289 11.41 17.22 -2.07
C PRO B 289 10.00 17.52 -1.57
N ILE B 290 8.98 17.26 -2.40
CA ILE B 290 7.62 17.56 -1.98
C ILE B 290 7.18 16.68 -0.82
N SER B 291 7.66 15.43 -0.77
CA SER B 291 7.26 14.53 0.30
C SER B 291 7.86 14.96 1.63
N VAL B 292 9.16 15.23 1.65
CA VAL B 292 9.80 15.66 2.88
C VAL B 292 9.28 17.02 3.33
N LEU B 293 9.09 17.94 2.37
CA LEU B 293 8.57 19.26 2.72
C LEU B 293 7.17 19.15 3.31
N ASN B 294 6.36 18.22 2.80
CA ASN B 294 5.00 18.07 3.33
C ASN B 294 5.02 17.54 4.75
N VAL B 295 5.94 16.64 5.06
CA VAL B 295 6.02 16.09 6.41
C VAL B 295 6.59 17.14 7.37
N LEU B 296 7.61 17.88 6.92
CA LEU B 296 8.18 18.93 7.77
C LEU B 296 7.17 20.05 8.01
N LYS B 297 6.28 20.30 7.05
CA LYS B 297 5.27 21.33 7.21
C LYS B 297 4.13 20.87 8.10
N ARG B 298 3.51 19.75 7.74
CA ARG B 298 2.32 19.27 8.45
C ARG B 298 2.68 18.65 9.80
N VAL B 299 3.52 17.61 9.78
CA VAL B 299 3.78 16.86 11.01
C VAL B 299 4.67 17.65 11.96
N PHE B 300 5.70 18.30 11.42
CA PHE B 300 6.69 18.99 12.26
C PHE B 300 6.43 20.49 12.40
N GLY B 301 5.39 21.02 11.75
CA GLY B 301 5.01 22.41 11.96
C GLY B 301 6.04 23.44 11.54
N MET B 302 6.83 23.16 10.51
CA MET B 302 7.85 24.08 10.03
C MET B 302 7.27 25.06 9.02
N PHE B 303 8.12 25.99 8.58
CA PHE B 303 7.80 26.96 7.54
C PHE B 303 6.60 27.82 7.94
N ARG B 304 6.49 28.17 9.22
CA ARG B 304 5.46 29.09 9.65
C ARG B 304 6.00 30.46 10.05
N GLN B 305 7.32 30.60 10.21
CA GLN B 305 7.87 31.93 10.47
C GLN B 305 8.00 32.64 9.13
N ALA B 306 7.18 33.68 8.93
CA ALA B 306 7.01 34.36 7.65
C ALA B 306 8.10 35.38 7.36
N SER B 307 9.24 35.36 8.04
CA SER B 307 10.25 36.39 7.78
C SER B 307 10.84 36.27 6.38
N ASP B 308 11.22 35.05 5.97
CA ASP B 308 11.65 34.83 4.60
C ASP B 308 10.55 34.09 3.84
N ARG B 309 9.38 34.70 3.74
CA ARG B 309 8.23 34.05 3.12
C ARG B 309 8.53 33.59 1.71
N GLU B 310 9.38 34.32 0.98
CA GLU B 310 9.67 33.96 -0.41
C GLU B 310 10.47 32.66 -0.51
N ALA B 311 11.47 32.48 0.37
CA ALA B 311 12.29 31.28 0.26
C ALA B 311 11.47 30.01 0.47
N VAL B 312 10.45 30.08 1.32
CA VAL B 312 9.55 28.94 1.46
C VAL B 312 8.68 28.79 0.22
N TYR B 313 8.22 29.92 -0.35
CA TYR B 313 7.44 29.84 -1.57
C TYR B 313 8.27 29.31 -2.73
N ALA B 314 9.54 29.70 -2.82
CA ALA B 314 10.38 29.22 -3.90
C ALA B 314 10.68 27.73 -3.77
N ALA B 315 10.81 27.22 -2.54
CA ALA B 315 11.06 25.81 -2.35
C ALA B 315 9.86 24.97 -2.76
N PHE B 316 8.68 25.30 -2.20
CA PHE B 316 7.48 24.54 -2.53
C PHE B 316 7.14 24.65 -4.01
N THR B 317 7.39 25.81 -4.61
CA THR B 317 7.12 25.97 -6.04
C THR B 317 7.95 24.99 -6.86
N PHE B 318 9.26 24.94 -6.59
CA PHE B 318 10.12 24.00 -7.30
C PHE B 318 9.72 22.55 -6.99
N SER B 319 9.29 22.29 -5.76
CA SER B 319 8.85 20.94 -5.41
C SER B 319 7.60 20.54 -6.19
N HIS B 320 6.69 21.50 -6.42
CA HIS B 320 5.50 21.19 -7.20
C HIS B 320 5.86 20.92 -8.66
N TRP B 321 6.81 21.69 -9.20
CA TRP B 321 7.23 21.49 -10.59
C TRP B 321 7.90 20.14 -10.79
N LEU B 322 8.71 19.71 -9.82
CA LEU B 322 9.38 18.41 -9.95
C LEU B 322 8.37 17.28 -10.08
N VAL B 323 7.22 17.39 -9.41
CA VAL B 323 6.20 16.34 -9.54
C VAL B 323 5.76 16.21 -10.99
N TYR B 324 5.54 17.34 -11.66
CA TYR B 324 5.16 17.32 -13.06
C TYR B 324 6.35 17.03 -13.96
N ALA B 325 7.56 17.42 -13.55
CA ALA B 325 8.74 17.10 -14.35
C ALA B 325 8.92 15.59 -14.48
N ASN B 326 8.51 14.83 -13.47
CA ASN B 326 8.57 13.38 -13.56
C ASN B 326 7.68 12.85 -14.68
N SER B 327 6.53 13.50 -14.90
CA SER B 327 5.63 13.07 -15.97
C SER B 327 6.29 13.20 -17.34
N ALA B 328 7.14 14.22 -17.53
CA ALA B 328 7.83 14.38 -18.80
C ALA B 328 9.09 13.52 -18.87
N ALA B 329 9.69 13.22 -17.71
CA ALA B 329 10.94 12.46 -17.71
C ALA B 329 10.73 11.03 -18.20
N ASN B 330 9.67 10.37 -17.73
CA ASN B 330 9.48 8.96 -18.06
C ASN B 330 9.48 8.66 -19.56
N PRO B 331 8.72 9.36 -20.40
CA PRO B 331 8.82 9.09 -21.83
C PRO B 331 10.21 9.30 -22.38
N ILE B 332 10.96 10.25 -21.82
CA ILE B 332 12.34 10.44 -22.24
C ILE B 332 13.20 9.25 -21.84
N ILE B 333 12.93 8.68 -20.66
CA ILE B 333 13.69 7.51 -20.23
C ILE B 333 13.45 6.33 -21.17
N TYR B 334 12.21 6.14 -21.62
CA TYR B 334 11.93 5.06 -22.55
C TYR B 334 12.66 5.25 -23.87
N ASN B 335 12.83 6.50 -24.30
CA ASN B 335 13.46 6.77 -25.59
C ASN B 335 14.92 6.33 -25.60
N PHE B 336 15.61 6.48 -24.47
CA PHE B 336 17.03 6.16 -24.41
C PHE B 336 17.33 4.76 -23.91
N LEU B 337 16.52 4.23 -23.00
CA LEU B 337 16.75 2.92 -22.42
C LEU B 337 15.86 1.83 -23.00
N SER B 338 15.09 2.15 -24.04
CA SER B 338 14.26 1.16 -24.73
C SER B 338 14.35 1.42 -26.22
N GLY B 339 15.00 0.50 -26.95
CA GLY B 339 15.11 0.65 -28.38
C GLY B 339 13.79 0.47 -29.11
N LYS B 340 12.84 -0.26 -28.52
CA LYS B 340 11.55 -0.42 -29.16
C LYS B 340 10.73 0.86 -29.07
N PHE B 341 10.73 1.51 -27.91
CA PHE B 341 10.10 2.82 -27.78
C PHE B 341 10.85 3.86 -28.59
N ARG B 342 12.18 3.78 -28.61
CA ARG B 342 13.00 4.75 -29.30
C ARG B 342 12.62 4.86 -30.78
N GLU B 343 12.59 3.73 -31.49
CA GLU B 343 12.24 3.79 -32.91
C GLU B 343 10.78 4.22 -33.09
N GLN B 344 9.90 3.84 -32.16
CA GLN B 344 8.51 4.30 -32.24
C GLN B 344 8.44 5.80 -32.02
N PHE B 345 9.31 6.33 -31.16
CA PHE B 345 9.43 7.77 -31.08
C PHE B 345 10.13 8.35 -32.30
N LYS B 346 11.01 7.56 -32.93
CA LYS B 346 11.64 7.99 -34.18
C LYS B 346 10.61 8.07 -35.30
N ALA B 347 9.82 7.01 -35.47
CA ALA B 347 8.82 7.01 -36.54
C ALA B 347 7.77 8.08 -36.30
N ALA B 348 7.41 8.31 -35.04
CA ALA B 348 6.41 9.30 -34.68
C ALA B 348 6.86 10.72 -35.00
N PHE B 349 8.17 11.00 -35.00
CA PHE B 349 8.59 12.37 -35.24
C PHE B 349 8.49 12.77 -36.70
N SER B 350 8.57 11.81 -37.63
CA SER B 350 8.31 12.07 -39.03
C SER B 350 6.85 11.85 -39.41
N TRP B 351 6.27 10.79 -38.86
CA TRP B 351 4.91 10.38 -39.18
C TRP B 351 3.88 11.44 -38.83
N TRP B 352 4.10 12.20 -37.75
CA TRP B 352 3.13 13.22 -37.35
C TRP B 352 3.71 14.63 -37.39
N LEU B 353 4.95 14.81 -36.92
CA LEU B 353 5.65 16.09 -36.84
C LEU B 353 6.54 16.35 -38.05
N PRO B 354 7.29 17.46 -38.10
CA PRO B 354 8.15 17.76 -39.25
C PRO B 354 9.12 16.63 -39.58
C1 NVK C . 2.96 -6.66 9.56
C10 NVK C . 7.29 -14.96 15.03
C11 NVK C . 6.78 -16.22 15.46
C12 NVK C . 7.59 -17.06 16.25
C13 NVK C . 9.29 -15.50 16.19
C14 NVK C . 8.55 -14.60 15.41
C15 NVK C . 7.11 -18.30 16.68
C16 NVK C . 5.85 -18.67 16.32
C17 NVK C . 5.09 -17.79 15.53
C2 NVK C . 3.80 -7.62 10.30
C3 NVK C . 5.40 -8.62 11.32
C4 NVK C . 4.32 -9.47 11.32
C5 NVK C . 4.37 -10.72 11.90
C6 NVK C . 5.55 -11.11 12.50
C7 NVK C . 6.66 -10.24 12.52
C8 NVK C . 6.59 -9.01 11.92
C9 NVK C . 6.69 -12.92 13.76
N1 NVK C . 5.03 -7.44 10.66
N2 NVK C . 5.62 -12.37 13.11
N3 NVK C . 6.43 -14.17 14.25
N4 NVK C . 8.86 -16.68 16.62
N5 NVK C . 5.51 -16.62 15.11
O1 NVK C . 3.28 -8.83 10.66
O2 NVK C . 7.77 -12.36 13.89
H3 NVK C . 3.23 -5.75 9.77
H1 NVK C . 2.04 -6.77 9.81
H2 NVK C . 3.05 -6.80 8.62
H9 NVK C . 10.17 -15.23 16.44
H10 NVK C . 8.92 -13.77 15.14
H11 NVK C . 7.65 -18.86 17.21
H12 NVK C . 5.50 -19.50 16.59
H13 NVK C . 4.22 -18.06 15.29
H4 NVK C . 3.61 -11.29 11.90
H5 NVK C . 7.46 -10.53 12.92
H6 NVK C . 7.34 -8.44 11.93
H7 NVK C . 4.89 -12.87 13.06
H8 NVK C . 5.67 -14.52 14.08
C1 NVK D . 3.77 -17.45 18.71
C10 NVK D . 2.31 -7.70 14.22
C11 NVK D . 1.25 -7.06 13.52
C12 NVK D . 1.46 -5.79 12.97
C13 NVK D . 3.63 -5.78 13.73
C14 NVK D . 3.51 -7.04 14.32
C15 NVK D . 0.41 -5.14 12.28
C16 NVK D . -0.78 -5.78 12.17
C17 NVK D . -0.93 -7.05 12.75
C2 NVK D . 3.82 -16.06 18.21
C3 NVK D . 4.40 -14.06 17.69
C4 NVK D . 3.11 -14.25 17.24
C5 NVK D . 2.42 -13.25 16.59
C6 NVK D . 3.08 -12.05 16.39
C7 NVK D . 4.39 -11.85 16.84
C8 NVK D . 5.05 -12.86 17.51
C9 NVK D . 2.94 -9.77 15.43
N1 NVK D . 4.82 -15.25 18.31
N2 NVK D . 2.42 -11.00 15.72
N3 NVK D . 2.07 -8.97 14.76
N4 NVK D . 2.67 -5.15 13.08
N5 NVK D . 0.03 -7.68 13.40
O1 NVK D . 2.73 -15.53 17.57
O2 NVK D . 4.07 -9.41 15.74
H3 NVK D . 4.66 -17.84 18.69
H1 NVK D . 3.18 -17.98 18.16
H2 NVK D . 3.45 -17.45 19.62
H9 NVK D . 4.46 -5.35 13.81
H10 NVK D . 4.24 -7.45 14.77
H11 NVK D . 0.54 -4.29 11.90
H12 NVK D . -1.50 -5.38 11.72
H13 NVK D . -1.76 -7.48 12.67
H4 NVK D . 1.53 -13.38 16.27
H5 NVK D . 4.81 -11.02 16.70
H6 NVK D . 5.94 -12.72 17.81
H7 NVK D . 1.60 -11.16 15.47
H8 NVK D . 1.26 -9.26 14.63
S SO4 E . -24.86 -6.36 -3.04
O1 SO4 E . -24.99 -5.62 -4.29
O2 SO4 E . -24.05 -5.59 -2.10
O3 SO4 E . -24.23 -7.64 -3.29
O4 SO4 E . -26.19 -6.57 -2.46
C1 SOG F . 20.58 -33.31 25.00
C2 SOG F . 20.28 -31.96 24.39
C3 SOG F . 19.57 -32.19 23.05
C4 SOG F . 20.33 -33.16 22.17
C5 SOG F . 20.84 -34.40 22.93
C6 SOG F . 21.84 -35.20 22.12
C1' SOG F . 22.48 -31.99 26.63
C2' SOG F . 23.13 -31.93 27.99
C3' SOG F . 24.24 -30.91 28.09
C4' SOG F . 23.76 -29.49 28.26
C5' SOG F . 24.85 -28.53 28.67
C6' SOG F . 24.41 -27.10 28.90
C7' SOG F . 25.52 -26.19 29.38
C8' SOG F . 26.06 -26.52 30.75
S1 SOG F . 21.18 -33.26 26.71
O2 SOG F . 19.43 -31.19 25.23
O3 SOG F . 19.35 -30.96 22.38
O4 SOG F . 19.50 -33.59 21.09
O5 SOG F . 21.48 -34.01 24.16
O6 SOG F . 22.46 -36.22 22.90
C1 SOG G . 20.57 -6.29 7.25
C2 SOG G . 20.86 -5.15 8.22
C3 SOG G . 20.67 -3.81 7.51
C4 SOG G . 21.48 -3.77 6.23
C5 SOG G . 21.16 -4.99 5.36
C6 SOG G . 22.03 -5.04 4.12
C1' SOG G . 21.39 -7.48 9.73
C2' SOG G . 21.58 -8.83 10.36
C3' SOG G . 20.63 -9.85 9.80
C4' SOG G . 21.12 -11.27 9.95
C5' SOG G . 20.52 -12.23 8.96
C6' SOG G . 20.49 -11.68 7.55
C7' SOG G . 20.51 -12.70 6.44
C8' SOG G . 21.87 -13.35 6.25
S1 SOG G . 20.84 -7.89 8.06
O2 SOG G . 19.98 -5.21 9.34
O3 SOG G . 21.05 -2.74 8.37
O4 SOG G . 21.18 -2.58 5.49
O5 SOG G . 21.41 -6.18 6.11
O6 SOG G . 21.72 -6.17 3.31
C1 SOG H . 16.98 8.19 16.98
C2 SOG H . 17.50 8.40 18.39
C3 SOG H . 19.01 8.60 18.32
C4 SOG H . 19.70 7.49 17.53
C5 SOG H . 18.95 7.14 16.23
C6 SOG H . 19.43 5.82 15.64
C1' SOG H . 15.03 7.89 15.05
C2' SOG H . 13.63 7.89 14.50
C3' SOG H . 12.89 6.60 14.77
C4' SOG H . 11.53 6.55 14.12
C5' SOG H . 11.56 6.49 12.61
C6' SOG H . 10.19 6.40 11.97
C7' SOG H . 10.21 6.28 10.47
C8' SOG H . 8.83 6.26 9.86
S1 SOG H . 15.18 8.08 16.86
O2 SOG H . 16.91 9.56 18.97
O3 SOG H . 19.56 8.69 19.64
O4 SOG H . 21.03 7.88 17.21
O5 SOG H . 17.55 7.00 16.47
O6 SOG H . 19.23 4.76 16.57
C1 SOG I . 13.01 7.82 20.89
C2 SOG I . 12.98 6.65 19.90
C3 SOG I . 12.49 7.08 18.52
C4 SOG I . 11.23 7.91 18.62
C5 SOG I . 11.50 9.07 19.56
C6 SOG I . 10.30 9.99 19.69
C1' SOG I . 12.65 8.43 23.61
C2' SOG I . 12.18 7.86 24.94
C3' SOG I . 11.93 8.93 25.98
C4' SOG I . 13.21 9.57 26.47
C5' SOG I . 13.01 10.89 27.19
C6' SOG I . 12.40 10.82 28.57
C7' SOG I . 12.27 12.20 29.18
C8' SOG I . 11.82 12.25 30.62
S1 SOG I . 13.27 7.10 22.52
O2 SOG I . 14.28 6.07 19.79
O3 SOG I . 12.27 5.94 17.70
O4 SOG I . 10.84 8.41 17.35
O5 SOG I . 11.80 8.56 20.86
O6 SOG I . 10.64 11.17 20.42
C1 SOG J . -12.42 1.24 16.05
C1' SOG J . -12.31 -0.53 13.90
C2' SOG J . -13.53 0.05 13.23
C3' SOG J . -14.60 -0.99 12.96
C4' SOG J . -15.65 -0.53 11.99
C5' SOG J . -16.29 0.79 12.34
S1 SOG J . -11.31 0.77 14.71
C1' SOG K . -28.08 0.22 14.36
C2' SOG K . -26.76 -0.50 14.48
C3' SOG K . -25.75 -0.08 13.44
C4' SOG K . -24.44 -0.80 13.57
C1' SOG L . -22.02 4.17 14.87
C2' SOG L . -21.00 3.21 14.30
C3' SOG L . -20.37 3.73 13.03
C4' SOG L . -19.34 2.79 12.44
CAD PGW M . -17.38 14.38 -0.01
OAE PGW M . -17.25 15.77 0.26
OAF PGW M . -16.78 12.16 0.76
P PGW M . -17.84 12.98 4.94
C01 PGW M . -14.01 12.56 5.07
C1 PGW M . -14.25 9.43 3.67
O01 PGW M . -14.16 10.16 4.79
C02 PGW M . -14.94 11.38 4.84
C2 PGW M . -13.30 8.26 3.62
O02 PGW M . -15.03 9.72 2.81
C03 PGW M . -16.02 11.29 5.88
C3 PGW M . -13.89 7.03 3.01
O03 PGW M . -13.42 12.45 6.38
C04 PGW M . -17.78 13.62 2.37
C4 PGW M . -12.91 6.31 2.10
O04 PGW M . -14.00 14.55 6.89
C05 PGW M . -16.89 13.54 1.15
C5 PGW M . -12.87 4.81 2.28
C06 PGW M . -7.76 0.44 1.22
C6 PGW M . -11.86 4.10 1.43
C07 PGW M . -7.02 -0.82 0.94
C7 PGW M . -11.64 2.64 1.84
C08 PGW M . -6.18 -0.81 -0.32
C8 PGW M . -10.34 2.05 1.41
C09 PGW M . -4.69 -0.87 -0.07
C9 PGW M . -9.93 0.91 2.32
C10 PGW M . -8.81 0.26 2.27
C11 PGW M . -4.10 0.44 0.41
O11 PGW M . -16.68 12.59 5.98
C12 PGW M . -2.67 0.32 0.89
O12 PGW M . -17.12 12.96 3.50
C13 PGW M . -2.55 -0.37 2.23
O13 PGW M . -18.22 14.41 5.22
C14 PGW M . -3.19 0.41 3.35
O14 PGW M . -18.87 11.89 5.01
C15 PGW M . -6.32 8.21 10.68
C16 PGW M . -5.56 7.25 9.80
C17 PGW M . -5.50 7.71 8.37
C18 PGW M . -4.75 6.82 7.41
C19 PGW M . -13.23 13.62 7.00
C20 PGW M . -11.91 13.64 7.71
C21 PGW M . -10.80 13.24 6.80
C22 PGW M . -9.86 12.21 7.43
C23 PGW M . -8.60 12.81 8.00
C24 PGW M . -8.20 12.27 9.36
C25 PGW M . -7.39 10.98 9.36
C26 PGW M . -6.72 10.73 10.70
C27 PGW M . -5.72 9.60 10.72
C28 PGW M . -4.82 7.29 5.98
C29 PGW M . -2.71 6.20 5.03
C30 PGW M . -4.20 6.40 4.92
C1 NVK N . -0.05 10.65 -0.48
C10 NVK N . -2.71 20.43 -4.34
C11 NVK N . -2.76 20.98 -5.66
C12 NVK N . -3.07 22.35 -5.82
C13 NVK N . -3.27 22.60 -3.53
C14 NVK N . -2.96 21.25 -3.28
C15 NVK N . -3.12 22.90 -7.10
C16 NVK N . -2.88 22.10 -8.17
C17 NVK N . -2.57 20.75 -7.95
C2 NVK N . -0.47 12.05 -0.71
C3 NVK N . -1.13 14.08 -0.51
C4 NVK N . -0.96 13.84 -1.85
C5 NVK N . -1.19 14.80 -2.80
C6 NVK N . -1.62 16.05 -2.37
C7 NVK N . -1.80 16.30 -1.01
C8 NVK N . -1.55 15.33 -0.07
C9 NVK N . -2.26 18.33 -3.10
N1 NVK N . -0.81 12.90 0.19
N2 NVK N . -1.86 17.05 -3.33
N3 NVK N . -2.40 19.07 -4.24
N4 NVK N . -3.33 23.15 -4.73
N5 NVK N . -2.51 20.20 -6.75
O1 NVK N . -0.53 12.53 -1.99
O2 NVK N . -2.48 18.79 -1.99
H3 NVK N . 0.39 10.58 0.37
H1 NVK N . 0.57 10.38 -1.17
H2 NVK N . -0.82 10.06 -0.49
H9 NVK N . -3.44 23.15 -2.78
H10 NVK N . -2.93 20.92 -2.39
H11 NVK N . -3.34 23.82 -7.22
H12 NVK N . -2.90 22.45 -9.04
H13 NVK N . -2.40 20.21 -8.69
H4 NVK N . -1.07 14.62 -3.72
H5 NVK N . -2.09 17.16 -0.73
H6 NVK N . -1.68 15.50 0.85
H7 NVK N . -1.74 16.81 -4.17
H8 NVK N . -2.28 18.67 -4.99
C1 NVK O . 0.22 23.63 -7.16
C10 NVK O . 2.75 14.51 -1.89
C11 NVK O . 3.22 13.21 -2.26
C12 NVK O . 3.33 12.21 -1.26
C13 NVK O . 2.56 13.68 0.34
C14 NVK O . 2.42 14.73 -0.58
C15 NVK O . 3.79 10.93 -1.61
C16 NVK O . 4.11 10.68 -2.90
C17 NVK O . 3.99 11.72 -3.84
C2 NVK O . 0.50 22.54 -6.22
C3 NVK O . 0.77 21.31 -4.47
C4 NVK O . 1.14 20.56 -5.55
C5 NVK O . 1.58 19.26 -5.43
C6 NVK O . 1.64 18.73 -4.15
C7 NVK O . 1.27 19.49 -3.04
C8 NVK O . 0.82 20.78 -3.19
C9 NVK O . 2.19 16.74 -2.77
N1 NVK O . 0.37 22.58 -4.93
N2 NVK O . 2.09 17.41 -3.96
N3 NVK O . 2.65 15.47 -2.89
N4 NVK O . 3.00 12.46 0.05
N5 NVK O . 3.57 12.94 -3.55
O1 NVK O . 0.97 21.34 -6.69
O2 NVK O . 1.91 17.23 -1.68
H3 NVK O . -0.33 24.29 -6.73
H1 NVK O . -0.24 23.28 -7.94
H2 NVK O . 1.05 24.05 -7.45
H9 NVK O . 2.32 13.86 1.24
H10 NVK O . 2.11 15.58 -0.30
H11 NVK O . 3.86 10.26 -0.95
H12 NVK O . 4.42 9.83 -3.17
H13 NVK O . 4.22 11.54 -4.74
H4 NVK O . 1.83 18.75 -6.19
H5 NVK O . 1.31 19.12 -2.18
H6 NVK O . 0.57 21.29 -2.44
H7 NVK O . 2.32 16.97 -4.68
H8 NVK O . 2.91 15.20 -3.67
S SO4 P . 9.55 -12.08 -19.13
O1 SO4 P . 10.09 -13.42 -19.35
O2 SO4 P . 10.16 -11.15 -20.08
O3 SO4 P . 8.11 -12.11 -19.32
O4 SO4 P . 9.85 -11.64 -17.77
S SO4 Q . 14.37 -3.03 -26.22
O1 SO4 Q . 15.46 -2.70 -25.32
O2 SO4 Q . 14.92 -3.46 -27.51
O3 SO4 Q . 13.57 -4.12 -25.65
O4 SO4 Q . 13.52 -1.86 -26.43
C1 SOG R . 8.22 17.99 16.82
C2 SOG R . 6.88 18.58 17.30
C3 SOG R . 5.61 17.90 16.79
C4 SOG R . 5.78 16.50 16.21
C5 SOG R . 7.15 15.93 16.46
C6 SOG R . 7.37 14.63 15.72
C1' SOG R . 10.80 18.50 15.80
C2' SOG R . 11.74 19.37 14.98
C3' SOG R . 13.11 18.75 14.83
C4' SOG R . 13.94 19.38 13.72
C5' SOG R . 14.29 20.83 13.91
C6' SOG R . 15.14 21.41 12.79
C7' SOG R . 15.52 22.86 12.95
C8' SOG R . 16.47 23.13 14.09
S1 SOG R . 9.18 19.31 16.03
O2 SOG R . 6.85 18.63 18.72
O3 SOG R . 4.91 18.73 15.88
O4 SOG R . 4.79 15.61 16.73
O5 SOG R . 8.09 16.89 15.95
O6 SOG R . 8.46 13.89 16.26
C1 SOG S . -12.52 17.42 9.14
C2 SOG S . -11.35 17.70 10.07
C3 SOG S . -11.23 16.57 11.08
C4 SOG S . -12.55 16.35 11.80
C5 SOG S . -13.70 16.20 10.81
C6 SOG S . -15.06 16.13 11.47
C1' SOG S . -14.18 17.93 7.03
C2' SOG S . -14.81 18.70 5.88
C3' SOG S . -15.96 17.94 5.28
C4' SOG S . -16.67 18.65 4.16
C5' SOG S . -17.76 17.82 3.53
C6' SOG S . -18.53 18.51 2.44
C7' SOG S . -19.70 17.70 1.96
C8' SOG S . -20.59 18.46 1.01
S1 SOG S . -12.77 18.69 7.88
O2 SOG S . -10.14 17.78 9.31
O3 SOG S . -10.19 16.86 12.02
O4 SOG S . -12.49 15.18 12.62
O5 SOG S . -13.72 17.32 9.90
O6 SOG S . -16.10 16.06 10.51
C1 SOG T . 11.02 38.84 -19.13
C2 SOG T . 12.44 38.50 -18.68
C3 SOG T . 13.44 38.78 -19.80
C4 SOG T . 12.99 38.16 -21.11
C5 SOG T . 11.58 38.64 -21.42
C6 SOG T . 11.05 38.06 -22.72
C1' SOG T . 8.40 37.95 -18.80
C2' SOG T . 7.28 37.45 -17.92
C3' SOG T . 6.02 37.20 -18.70
C4' SOG T . 4.80 36.99 -17.84
C5' SOG T . 3.60 37.76 -18.32
C6' SOG T . 2.29 37.32 -17.73
C7' SOG T . 1.12 38.01 -18.38
C8' SOG T . -0.22 37.43 -18.04
S1 SOG T . 9.91 38.27 -17.83
O2 SOG T . 12.79 39.25 -17.54
O3 SOG T . 14.73 38.29 -19.44
O4 SOG T . 13.86 38.54 -22.17
O5 SOG T . 10.71 38.22 -20.37
O6 SOG T . 9.83 38.69 -23.10
C1 SOG U . 12.62 43.66 -20.89
C2 SOG U . 13.83 42.95 -20.34
C3 SOG U . 14.71 43.96 -19.60
C4 SOG U . 15.01 45.17 -20.47
C5 SOG U . 13.78 45.70 -21.20
C6 SOG U . 14.13 46.69 -22.30
C1' SOG U . 9.98 43.59 -21.74
C2' SOG U . 9.33 43.73 -23.09
C3' SOG U . 8.41 42.58 -23.42
C4' SOG U . 8.66 42.03 -24.80
C5' SOG U . 7.67 40.98 -25.24
C6' SOG U . 8.03 40.27 -26.51
C7' SOG U . 7.01 39.25 -26.95
C8' SOG U . 7.45 38.45 -28.15
S1 SOG U . 11.46 42.52 -21.70
O2 SOG U . 13.42 41.94 -19.43
O3 SOG U . 15.92 43.35 -19.17
O4 SOG U . 15.57 46.23 -19.67
O5 SOG U . 13.05 44.63 -21.83
O6 SOG U . 12.99 47.00 -23.10
CAD PGW V . 16.82 -15.70 2.59
OAE PGW V . 17.17 -15.90 3.95
OAF PGW V . 15.83 -13.93 1.27
P PGW V . 19.25 -11.60 0.59
C01 PGW V . 15.38 -10.08 1.14
C1 PGW V . 17.58 -7.30 1.99
O01 PGW V . 16.60 -8.22 2.10
C02 PGW V . 16.74 -9.44 1.32
C2 PGW V . 18.01 -6.74 3.32
O02 PGW V . 18.03 -6.97 0.93
C03 PGW V . 17.64 -10.28 2.20
C3 PGW V . 17.64 -7.62 4.48
O03 PGW V . 14.38 -9.05 0.99
C04 PGW V . 18.21 -13.82 1.61
C4 PGW V . 17.03 -6.82 5.62
O04 PGW V . 14.43 -9.18 -1.24
C05 PGW V . 16.88 -14.24 2.19
C5 PGW V . 15.70 -6.18 5.26
C06 PGW V . 12.94 -0.47 5.88
C6 PGW V . 15.12 -5.30 6.34
C07 PGW V . 12.79 0.75 5.02
C7 PGW V . 15.72 -3.90 6.43
C08 PGW V . 11.68 0.66 3.98
C8 PGW V . 14.74 -2.81 6.08
C09 PGW V . 10.40 0.05 4.50
C9 PGW V . 15.05 -1.48 6.71
C10 PGW V . 14.22 -0.47 6.67
C11 PGW V . 10.16 -1.37 4.02
O11 PGW V . 18.98 -10.47 1.69
C12 PGW V . 9.29 -2.20 4.95
O12 PGW V . 18.02 -12.61 0.82
C13 PGW V . 7.88 -1.72 5.18
O13 PGW V . 19.09 -10.96 -0.76
C14 PGW V . 6.96 -1.88 3.99
O14 PGW V . 20.52 -12.32 0.95
C15 PGW V . 5.49 -3.78 -3.94
C16 PGW V . 4.57 -4.05 -2.78
C17 PGW V . 3.15 -3.60 -3.01
C18 PGW V . 2.73 -2.40 -2.18
C19 PGW V . 13.83 -8.93 -0.22
C20 PGW V . 12.39 -8.53 -0.12
C21 PGW V . 11.63 -8.65 -1.40
C22 PGW V . 10.64 -7.50 -1.57
C23 PGW V . 9.75 -7.60 -2.79
C24 PGW V . 9.02 -6.31 -3.10
C25 PGW V . 8.05 -6.41 -4.26
C26 PGW V . 7.52 -5.09 -4.76
C27 PGW V . 6.92 -4.21 -3.68
C28 PGW V . 2.76 -2.65 -0.69
C29 PGW V . 0.96 -0.97 -0.02
C30 PGW V . 2.37 -1.48 0.19
#